data_6WV1
#
_entry.id   6WV1
#
_cell.length_a   104.183
_cell.length_b   104.183
_cell.length_c   323.760
_cell.angle_alpha   90.000
_cell.angle_beta   90.000
_cell.angle_gamma   120.000
#
_symmetry.space_group_name_H-M   'P 31 2 1'
#
loop_
_entity.id
_entity.type
_entity.pdbx_description
1 polymer Acetylcholinesterase
2 branched 2-acetamido-2-deoxy-beta-D-glucopyranose-(1-4)-[alpha-L-fucopyranose-(1-6)]2-acetamido-2-deoxy-beta-D-glucopyranose
3 non-polymer 2-acetamido-2-deoxy-beta-D-glucopyranose
4 non-polymer 2-(2-(2-(2-(2-(2-ETHOXYETHOXY)ETHOXY)ETHOXY)ETHOXY)ETHOXY)ETHANOL
5 non-polymer 'propan-2-yl hydrogen (S)-methylphosphonate'
6 non-polymer 4-(AMINOCARBONYL)-1-[({2-[(E)-(HYDROXYIMINO)METHYL]PYRIDINIUM-1-YL}METHOXY)METHYL]PYRIDINIUM
7 water water
#
_entity_poly.entity_id   1
_entity_poly.type   'polypeptide(L)'
_entity_poly.pdbx_seq_one_letter_code
;GREDAELLVTVRGGRLRGIRLKTPGGPVSAFLGIPFAEPPMGPRRFLPPEPKQPWSGVVDATTFQSVCYQYVDTLYPGFE
GTEMWNPNRELSEDCLYLNVWTPYPRPTSPTPVLVWIYGGGFYSGASSLDVYDGRFLVQAERTVLVSMNYRVGAFGFLAL
PGSREAPGNVGLLDQRLALQWVQENVAAFGGDPTSVTLFGESAGAASVGMHLLSPPSRGLFHRAVLQSGAPNGPWATVGM
GEARRRATQLAHLVGCPPGGTGGNDTELVACLRTRPAQVLVNHEWHVLPQESVFRFSFVPVVDGDFLSDTPEALINAGDF
HGLQVLVGVVKDEGSYFLVYGAPGFSKDNESLISRAEFLAGVRVGVPQVSDLAAEAVVLHYTDWLHPEDPARLREALSDV
VGDHNVVCPVAQLAGRLAAQGARVYAYVFEHRASTLSWPLWMGVPHGYEIEFIFGIPLDPSRNYTAEEKIFAQRLMRYWA
NFARTGDPNEPRDPKAPQWPPYTAGAQQYVSLDLRPLEVRRGLRAQACAFWNRFLPKLLSAT
;
_entity_poly.pdbx_strand_id   A,B
#
loop_
_chem_comp.id
_chem_comp.type
_chem_comp.name
_chem_comp.formula
7PE non-polymer 2-(2-(2-(2-(2-(2-ETHOXYETHOXY)ETHOXY)ETHOXY)ETHOXY)ETHOXY)ETHANOL 'C14 H30 O7'
FUC L-saccharide, alpha linking alpha-L-fucopyranose 'C6 H12 O5'
HI6 non-polymer 4-(AMINOCARBONYL)-1-[({2-[(E)-(HYDROXYIMINO)METHYL]PYRIDINIUM-1-YL}METHOXY)METHYL]PYRIDINIUM 'C14 H16 N4 O3 2'
NAG D-saccharide, beta linking 2-acetamido-2-deoxy-beta-D-glucopyranose 'C8 H15 N O6'
UCJ non-polymer 'propan-2-yl hydrogen (S)-methylphosphonate' 'C4 H11 O3 P'
#
# COMPACT_ATOMS: atom_id res chain seq x y z
N ARG A 2 -1.66 25.57 -11.55
CA ARG A 2 -2.37 26.53 -10.71
C ARG A 2 -2.77 25.92 -9.39
N GLU A 3 -3.97 25.33 -9.33
CA GLU A 3 -4.54 24.86 -8.08
C GLU A 3 -5.37 23.60 -8.33
N ASP A 4 -5.38 22.71 -7.34
CA ASP A 4 -6.13 21.46 -7.39
C ASP A 4 -7.39 21.63 -6.55
N ALA A 5 -8.55 21.65 -7.22
CA ALA A 5 -9.81 21.89 -6.52
C ALA A 5 -10.06 20.88 -5.42
N GLU A 6 -9.45 19.69 -5.50
CA GLU A 6 -9.68 18.66 -4.51
C GLU A 6 -9.03 19.00 -3.18
N LEU A 7 -7.93 19.75 -3.20
CA LEU A 7 -7.20 20.10 -1.99
C LEU A 7 -7.55 21.48 -1.47
N LEU A 8 -8.65 22.04 -1.94
CA LEU A 8 -9.16 23.32 -1.47
C LEU A 8 -10.51 23.07 -0.82
N VAL A 9 -10.65 23.50 0.42
CA VAL A 9 -11.87 23.27 1.19
C VAL A 9 -12.19 24.56 1.94
N THR A 10 -13.48 24.85 2.08
CA THR A 10 -13.93 25.98 2.88
C THR A 10 -14.63 25.45 4.13
N VAL A 11 -14.06 25.74 5.29
CA VAL A 11 -14.72 25.48 6.56
C VAL A 11 -15.23 26.81 7.10
N ARG A 12 -15.80 26.80 8.31
CA ARG A 12 -16.44 28.02 8.81
C ARG A 12 -15.45 29.14 9.06
N GLY A 13 -14.20 28.80 9.42
CA GLY A 13 -13.21 29.83 9.69
C GLY A 13 -12.66 30.51 8.47
N GLY A 14 -12.80 29.90 7.29
CA GLY A 14 -12.22 30.40 6.07
C GLY A 14 -11.75 29.24 5.22
N ARG A 15 -10.88 29.56 4.26
CA ARG A 15 -10.44 28.60 3.25
C ARG A 15 -9.17 27.88 3.67
N LEU A 16 -9.06 26.63 3.21
CA LEU A 16 -7.93 25.75 3.52
C LEU A 16 -7.37 25.17 2.23
N ARG A 17 -6.05 24.94 2.23
CA ARG A 17 -5.38 24.23 1.16
C ARG A 17 -4.68 23.01 1.75
N GLY A 18 -4.91 21.85 1.15
CA GLY A 18 -4.37 20.61 1.65
C GLY A 18 -3.28 20.06 0.74
N ILE A 19 -3.02 18.77 0.90
CA ILE A 19 -1.94 18.08 0.20
C ILE A 19 -2.46 16.73 -0.28
N ARG A 20 -1.90 16.27 -1.39
CA ARG A 20 -2.17 14.94 -1.92
C ARG A 20 -1.06 14.00 -1.50
N LEU A 21 -1.41 12.98 -0.72
CA LEU A 21 -0.44 12.01 -0.23
C LEU A 21 -0.52 10.73 -1.02
N LYS A 22 0.65 10.17 -1.34
CA LYS A 22 0.69 8.85 -1.94
C LYS A 22 0.62 7.78 -0.86
N THR A 23 -0.10 6.72 -1.14
CA THR A 23 -0.19 5.55 -0.28
C THR A 23 0.08 4.32 -1.13
N PRO A 24 0.38 3.18 -0.51
CA PRO A 24 0.51 1.94 -1.29
C PRO A 24 -0.72 1.60 -2.12
N GLY A 25 -1.90 2.10 -1.76
CA GLY A 25 -3.10 1.78 -2.51
C GLY A 25 -3.63 2.91 -3.36
N GLY A 26 -3.01 4.09 -3.30
CA GLY A 26 -3.43 5.20 -4.11
C GLY A 26 -3.50 6.51 -3.35
N PRO A 27 -4.04 7.55 -3.98
CA PRO A 27 -3.97 8.89 -3.38
C PRO A 27 -5.00 9.13 -2.29
N VAL A 28 -4.57 9.93 -1.32
CA VAL A 28 -5.40 10.40 -0.21
C VAL A 28 -5.19 11.90 -0.10
N SER A 29 -6.23 12.62 0.31
CA SER A 29 -6.12 14.04 0.58
C SER A 29 -5.90 14.26 2.07
N ALA A 30 -4.90 15.06 2.41
CA ALA A 30 -4.55 15.34 3.79
C ALA A 30 -4.59 16.85 4.04
N PHE A 31 -5.25 17.24 5.11
CA PHE A 31 -5.30 18.61 5.60
C PHE A 31 -4.70 18.58 7.01
N LEU A 32 -3.41 18.90 7.09
CA LEU A 32 -2.65 18.76 8.32
C LEU A 32 -2.42 20.13 8.95
N GLY A 33 -2.57 20.21 10.27
CA GLY A 33 -2.36 21.47 10.96
C GLY A 33 -3.44 22.50 10.76
N ILE A 34 -4.71 22.10 10.85
CA ILE A 34 -5.83 23.03 10.80
C ILE A 34 -6.02 23.67 12.17
N PRO A 35 -5.96 24.99 12.29
CA PRO A 35 -6.20 25.62 13.61
C PRO A 35 -7.67 25.53 13.99
N PHE A 36 -7.93 25.01 15.19
CA PHE A 36 -9.29 24.99 15.68
C PHE A 36 -9.50 25.81 16.95
N ALA A 37 -8.44 26.33 17.55
CA ALA A 37 -8.57 27.21 18.71
C ALA A 37 -7.53 28.31 18.59
N GLU A 38 -7.81 29.42 19.29
CA GLU A 38 -6.79 30.44 19.48
C GLU A 38 -5.62 29.86 20.26
N PRO A 39 -4.39 30.26 19.95
CA PRO A 39 -3.22 29.73 20.65
C PRO A 39 -3.29 29.98 22.14
N PRO A 40 -3.25 28.92 22.96
CA PRO A 40 -3.40 29.09 24.42
C PRO A 40 -2.09 29.48 25.10
N MET A 41 -1.56 30.63 24.71
CA MET A 41 -0.28 31.14 25.19
C MET A 41 -0.45 32.40 26.02
N GLY A 42 0.61 32.74 26.75
CA GLY A 42 0.63 33.91 27.59
C GLY A 42 -0.53 33.98 28.54
N PRO A 43 -1.40 34.98 28.35
CA PRO A 43 -2.58 35.10 29.22
C PRO A 43 -3.58 33.97 29.05
N ARG A 44 -3.51 33.21 27.96
CA ARG A 44 -4.43 32.10 27.74
C ARG A 44 -3.92 30.77 28.26
N ARG A 45 -2.74 30.74 28.88
CA ARG A 45 -2.24 29.51 29.49
C ARG A 45 -3.19 29.09 30.61
N PHE A 46 -3.48 27.77 30.66
CA PHE A 46 -4.38 27.11 31.60
C PHE A 46 -5.85 27.43 31.38
N LEU A 47 -6.19 28.29 30.42
CA LEU A 47 -7.59 28.63 30.21
C LEU A 47 -8.25 27.64 29.26
N PRO A 48 -9.58 27.54 29.31
CA PRO A 48 -10.29 26.74 28.31
C PRO A 48 -10.04 27.28 26.92
N PRO A 49 -10.11 26.43 25.90
CA PRO A 49 -9.79 26.89 24.54
C PRO A 49 -10.86 27.82 24.00
N GLU A 50 -10.41 28.89 23.35
CA GLU A 50 -11.40 29.68 22.65
C GLU A 50 -11.39 29.33 21.16
N PRO A 51 -12.55 29.32 20.50
CA PRO A 51 -12.59 28.92 19.09
C PRO A 51 -11.74 29.84 18.23
N LYS A 52 -11.23 29.27 17.14
CA LYS A 52 -10.36 30.02 16.23
C LYS A 52 -11.15 31.10 15.51
N GLN A 53 -10.64 32.32 15.52
CA GLN A 53 -11.30 33.42 14.82
CA GLN A 53 -11.32 33.40 14.82
C GLN A 53 -11.20 33.23 13.31
N PRO A 54 -12.22 33.64 12.56
CA PRO A 54 -12.17 33.47 11.11
C PRO A 54 -11.01 34.24 10.50
N TRP A 55 -10.54 33.75 9.35
CA TRP A 55 -9.39 34.30 8.66
C TRP A 55 -9.76 34.58 7.20
N SER A 56 -9.09 35.56 6.62
CA SER A 56 -9.16 35.79 5.19
C SER A 56 -7.99 35.10 4.48
N GLY A 57 -8.16 34.89 3.18
CA GLY A 57 -7.16 34.15 2.43
C GLY A 57 -7.25 32.66 2.70
N VAL A 58 -6.23 31.94 2.24
CA VAL A 58 -6.17 30.49 2.32
C VAL A 58 -5.10 30.08 3.32
N VAL A 59 -5.49 29.26 4.30
CA VAL A 59 -4.55 28.68 5.26
C VAL A 59 -3.98 27.40 4.69
N ASP A 60 -2.65 27.29 4.66
CA ASP A 60 -1.96 26.10 4.18
C ASP A 60 -1.98 25.05 5.29
N ALA A 61 -2.84 24.04 5.13
CA ALA A 61 -2.88 22.91 6.04
C ALA A 61 -2.12 21.73 5.42
N THR A 62 -0.81 21.92 5.30
CA THR A 62 0.03 21.07 4.48
C THR A 62 1.10 20.31 5.25
N THR A 63 1.13 20.41 6.58
CA THR A 63 2.11 19.69 7.37
C THR A 63 1.62 19.67 8.81
N PHE A 64 2.14 18.73 9.58
CA PHE A 64 1.81 18.66 11.00
C PHE A 64 2.32 19.91 11.72
N GLN A 65 1.49 20.45 12.59
CA GLN A 65 1.88 21.58 13.43
C GLN A 65 2.62 21.08 14.67
N SER A 66 2.96 22.01 15.55
CA SER A 66 3.84 21.74 16.69
C SER A 66 3.21 20.74 17.67
N VAL A 67 4.08 20.08 18.42
CA VAL A 67 3.66 19.21 19.51
C VAL A 67 3.42 20.06 20.76
N CYS A 68 2.33 19.78 21.47
CA CYS A 68 2.08 20.49 22.71
C CYS A 68 3.22 20.26 23.69
N TYR A 69 3.63 21.32 24.38
CA TYR A 69 4.79 21.24 25.25
C TYR A 69 4.65 20.09 26.24
N GLN A 70 5.71 19.31 26.36
CA GLN A 70 5.64 18.07 27.12
C GLN A 70 7.03 17.56 27.43
N TYR A 71 7.10 16.73 28.46
CA TYR A 71 8.32 16.03 28.81
C TYR A 71 8.73 15.10 27.68
N VAL A 72 10.04 14.96 27.49
CA VAL A 72 10.61 14.07 26.48
C VAL A 72 11.33 12.94 27.18
N ASP A 73 10.91 11.70 26.89
CA ASP A 73 11.48 10.54 27.57
C ASP A 73 12.94 10.33 27.17
N THR A 74 13.78 10.04 28.17
CA THR A 74 15.22 9.89 27.94
C THR A 74 15.78 8.63 28.58
N LEU A 75 14.94 7.64 28.90
CA LEU A 75 15.44 6.47 29.63
C LEU A 75 16.39 5.64 28.77
N TYR A 76 15.98 5.34 27.52
CA TYR A 76 16.82 4.63 26.57
C TYR A 76 17.01 5.54 25.35
N PRO A 77 17.99 6.46 25.40
CA PRO A 77 18.16 7.42 24.30
C PRO A 77 18.58 6.73 23.01
N GLY A 78 17.89 7.07 21.93
CA GLY A 78 18.14 6.45 20.64
C GLY A 78 17.42 5.15 20.41
N PHE A 79 16.84 4.56 21.45
CA PHE A 79 16.11 3.29 21.31
C PHE A 79 14.76 3.55 20.65
N GLU A 80 14.51 2.86 19.55
CA GLU A 80 13.29 3.13 18.78
C GLU A 80 12.02 2.78 19.56
N GLY A 81 12.09 1.79 20.45
CA GLY A 81 10.90 1.44 21.23
C GLY A 81 10.35 2.58 22.05
N THR A 82 11.21 3.53 22.44
CA THR A 82 10.78 4.72 23.15
C THR A 82 10.76 5.96 22.27
N GLU A 83 11.67 6.07 21.30
CA GLU A 83 11.72 7.26 20.46
C GLU A 83 10.49 7.40 19.57
N MET A 84 9.81 6.28 19.25
CA MET A 84 8.61 6.34 18.44
C MET A 84 7.47 7.09 19.12
N TRP A 85 7.52 7.25 20.45
CA TRP A 85 6.51 7.99 21.20
C TRP A 85 6.92 9.42 21.51
N ASN A 86 8.14 9.81 21.19
CA ASN A 86 8.63 11.15 21.50
C ASN A 86 8.19 12.15 20.44
N PRO A 87 8.16 13.44 20.78
CA PRO A 87 7.70 14.45 19.82
C PRO A 87 8.56 14.44 18.56
N ASN A 88 7.88 14.47 17.41
CA ASN A 88 8.54 14.54 16.11
C ASN A 88 8.34 15.90 15.45
N ARG A 89 7.88 16.89 16.21
CA ARG A 89 7.85 18.29 15.80
C ARG A 89 8.34 19.14 16.94
N GLU A 90 8.58 20.41 16.66
CA GLU A 90 8.95 21.36 17.70
C GLU A 90 7.90 21.41 18.79
N LEU A 91 8.35 21.58 20.04
CA LEU A 91 7.45 21.80 21.15
C LEU A 91 6.97 23.26 21.17
N SER A 92 5.67 23.44 21.43
CA SER A 92 5.12 24.78 21.49
C SER A 92 3.83 24.76 22.28
N GLU A 93 3.53 25.88 22.94
CA GLU A 93 2.21 26.08 23.51
C GLU A 93 1.18 26.40 22.45
N ASP A 94 1.62 26.92 21.31
CA ASP A 94 0.79 27.09 20.12
C ASP A 94 0.69 25.73 19.44
N CYS A 95 -0.29 24.93 19.85
CA CYS A 95 -0.33 23.54 19.41
C CYS A 95 -1.75 23.02 19.15
N LEU A 96 -2.78 23.87 19.18
CA LEU A 96 -4.15 23.40 19.05
C LEU A 96 -4.53 23.35 17.57
N TYR A 97 -4.08 22.28 16.92
CA TYR A 97 -4.36 22.03 15.51
C TYR A 97 -4.87 20.62 15.35
N LEU A 98 -5.69 20.40 14.32
CA LEU A 98 -6.22 19.08 14.02
C LEU A 98 -5.91 18.74 12.57
N ASN A 99 -6.07 17.46 12.25
CA ASN A 99 -5.72 16.89 10.97
C ASN A 99 -6.89 16.12 10.40
N VAL A 100 -7.12 16.26 9.10
CA VAL A 100 -8.20 15.55 8.41
C VAL A 100 -7.60 14.81 7.21
N TRP A 101 -7.81 13.50 7.16
CA TRP A 101 -7.52 12.69 5.98
C TRP A 101 -8.84 12.28 5.33
N THR A 102 -8.90 12.38 4.01
CA THR A 102 -10.10 12.02 3.27
C THR A 102 -9.69 11.33 1.96
N PRO A 103 -10.55 10.50 1.40
CA PRO A 103 -10.22 9.86 0.12
C PRO A 103 -9.99 10.88 -0.98
N TYR A 104 -9.16 10.49 -1.94
CA TYR A 104 -8.93 11.25 -3.16
C TYR A 104 -9.41 10.42 -4.35
N PRO A 105 -10.47 10.82 -5.05
CA PRO A 105 -11.26 12.05 -4.90
C PRO A 105 -12.15 12.07 -3.66
N ARG A 106 -12.52 13.28 -3.24
CA ARG A 106 -13.34 13.44 -2.05
C ARG A 106 -14.69 12.75 -2.24
N PRO A 107 -15.24 12.13 -1.21
CA PRO A 107 -16.50 11.39 -1.37
C PRO A 107 -17.65 12.32 -1.77
N THR A 108 -18.51 11.82 -2.64
CA THR A 108 -19.69 12.57 -3.04
C THR A 108 -20.89 12.31 -2.13
N SER A 109 -20.89 11.20 -1.41
CA SER A 109 -21.90 10.86 -0.42
C SER A 109 -21.29 10.86 0.98
N PRO A 110 -22.08 11.16 2.01
CA PRO A 110 -21.52 11.24 3.37
C PRO A 110 -20.84 9.94 3.78
N THR A 111 -19.65 10.10 4.39
CA THR A 111 -18.74 9.03 4.72
C THR A 111 -18.48 8.99 6.22
N PRO A 112 -18.51 7.81 6.84
CA PRO A 112 -18.30 7.73 8.29
C PRO A 112 -16.94 8.29 8.70
N VAL A 113 -16.89 8.83 9.92
CA VAL A 113 -15.75 9.57 10.43
C VAL A 113 -15.16 8.85 11.62
N LEU A 114 -13.85 8.61 11.59
CA LEU A 114 -13.08 8.16 12.75
C LEU A 114 -12.30 9.34 13.31
N VAL A 115 -12.38 9.54 14.62
CA VAL A 115 -11.66 10.61 15.31
C VAL A 115 -10.72 9.98 16.33
N TRP A 116 -9.42 10.19 16.15
CA TRP A 116 -8.39 9.59 17.00
C TRP A 116 -7.99 10.54 18.12
N ILE A 117 -7.89 9.99 19.34
CA ILE A 117 -7.38 10.72 20.49
C ILE A 117 -6.16 9.97 21.00
N TYR A 118 -4.97 10.56 20.87
CA TYR A 118 -3.76 9.86 21.27
C TYR A 118 -3.68 9.73 22.79
N GLY A 119 -2.87 8.76 23.22
CA GLY A 119 -2.55 8.59 24.62
C GLY A 119 -1.20 9.19 24.98
N GLY A 120 -0.73 8.84 26.17
CA GLY A 120 0.50 9.39 26.69
C GLY A 120 0.41 9.83 28.13
N GLY A 121 -0.46 9.15 28.90
CA GLY A 121 -0.64 9.43 30.32
C GLY A 121 -1.08 10.84 30.65
N PHE A 122 -1.69 11.55 29.69
CA PHE A 122 -2.09 12.95 29.82
C PHE A 122 -0.92 13.91 30.02
N TYR A 123 0.32 13.43 29.90
CA TYR A 123 1.48 14.30 29.98
C TYR A 123 2.29 14.35 28.69
N SER A 124 1.89 13.62 27.66
CA SER A 124 2.68 13.53 26.44
C SER A 124 1.78 13.03 25.32
N GLY A 125 2.34 12.89 24.14
CA GLY A 125 1.62 12.47 22.97
C GLY A 125 1.48 13.60 21.96
N ALA A 126 1.14 13.20 20.73
CA ALA A 126 1.01 14.14 19.63
C ALA A 126 0.32 13.43 18.47
N SER A 127 -0.50 14.17 17.73
CA SER A 127 -1.19 13.57 16.59
C SER A 127 -0.27 13.41 15.39
N SER A 128 0.98 13.89 15.47
CA SER A 128 1.89 13.83 14.36
C SER A 128 2.78 12.59 14.34
N LEU A 129 2.75 11.77 15.39
CA LEU A 129 3.58 10.58 15.43
C LEU A 129 3.34 9.69 14.22
N ASP A 130 4.41 9.09 13.70
CA ASP A 130 4.32 8.24 12.52
C ASP A 130 3.29 7.13 12.70
N VAL A 131 3.18 6.59 13.91
CA VAL A 131 2.27 5.47 14.16
C VAL A 131 0.80 5.89 14.09
N TYR A 132 0.51 7.19 14.13
CA TYR A 132 -0.86 7.68 14.01
C TYR A 132 -1.18 8.19 12.60
N ASP A 133 -0.32 7.91 11.62
CA ASP A 133 -0.54 8.32 10.25
C ASP A 133 -1.86 7.76 9.70
N GLY A 134 -2.81 8.65 9.41
CA GLY A 134 -4.15 8.27 8.98
C GLY A 134 -4.29 7.87 7.53
N ARG A 135 -3.23 7.98 6.72
CA ARG A 135 -3.37 7.78 5.29
C ARG A 135 -3.76 6.35 4.92
N PHE A 136 -3.36 5.36 5.72
CA PHE A 136 -3.60 3.97 5.34
C PHE A 136 -5.04 3.53 5.66
N LEU A 137 -5.57 3.94 6.81
CA LEU A 137 -6.97 3.66 7.12
C LEU A 137 -7.90 4.27 6.07
N VAL A 138 -7.67 5.54 5.75
CA VAL A 138 -8.54 6.23 4.79
C VAL A 138 -8.49 5.54 3.44
N GLN A 139 -7.29 5.18 2.98
CA GLN A 139 -7.17 4.53 1.69
C GLN A 139 -7.78 3.13 1.70
N ALA A 140 -7.54 2.36 2.77
CA ALA A 140 -7.97 0.97 2.77
C ALA A 140 -9.47 0.84 2.97
N GLU A 141 -10.06 1.72 3.78
CA GLU A 141 -11.45 1.54 4.19
C GLU A 141 -12.34 2.71 3.81
N ARG A 142 -11.81 3.73 3.13
CA ARG A 142 -12.60 4.82 2.56
C ARG A 142 -13.45 5.51 3.61
N THR A 143 -12.82 5.84 4.73
CA THR A 143 -13.44 6.67 5.75
C THR A 143 -12.73 8.02 5.79
N VAL A 144 -13.30 8.93 6.58
CA VAL A 144 -12.64 10.18 6.91
C VAL A 144 -12.01 10.02 8.29
N LEU A 145 -10.71 10.27 8.40
CA LEU A 145 -10.02 10.20 9.68
C LEU A 145 -9.66 11.61 10.15
N VAL A 146 -9.92 11.88 11.43
CA VAL A 146 -9.59 13.15 12.06
C VAL A 146 -8.75 12.86 13.31
N SER A 147 -7.74 13.69 13.55
CA SER A 147 -7.00 13.63 14.80
C SER A 147 -6.69 15.06 15.23
N MET A 148 -6.57 15.28 16.54
CA MET A 148 -6.30 16.60 17.07
C MET A 148 -5.17 16.54 18.09
N ASN A 149 -4.51 17.66 18.27
CA ASN A 149 -3.64 17.85 19.42
C ASN A 149 -4.44 18.43 20.57
N TYR A 150 -4.09 18.03 21.79
CA TYR A 150 -4.67 18.61 22.98
C TYR A 150 -3.57 18.81 24.00
N ARG A 151 -3.72 19.85 24.81
CA ARG A 151 -2.69 20.19 25.79
C ARG A 151 -2.53 19.09 26.83
N VAL A 152 -1.28 18.84 27.22
CA VAL A 152 -0.97 17.76 28.15
C VAL A 152 -0.19 18.34 29.33
N GLY A 153 -0.03 17.51 30.36
CA GLY A 153 0.72 17.94 31.52
C GLY A 153 0.04 19.09 32.25
N ALA A 154 0.86 19.93 32.89
CA ALA A 154 0.33 21.10 33.58
C ALA A 154 -0.48 21.98 32.64
N PHE A 155 -0.04 22.11 31.38
CA PHE A 155 -0.71 23.03 30.46
C PHE A 155 -2.14 22.59 30.17
N GLY A 156 -2.42 21.29 30.24
CA GLY A 156 -3.74 20.81 29.92
C GLY A 156 -4.57 20.42 31.14
N PHE A 157 -3.91 20.16 32.27
CA PHE A 157 -4.62 19.54 33.38
C PHE A 157 -4.22 20.03 34.76
N LEU A 158 -3.34 21.03 34.86
CA LEU A 158 -3.19 21.68 36.15
C LEU A 158 -4.51 22.30 36.53
N ALA A 159 -4.97 22.00 37.73
CA ALA A 159 -6.28 22.44 38.17
C ALA A 159 -6.17 23.08 39.54
N LEU A 160 -6.66 24.31 39.66
CA LEU A 160 -7.00 24.88 40.95
C LEU A 160 -8.52 24.91 41.00
N PRO A 161 -9.17 23.84 41.45
CA PRO A 161 -10.61 23.70 41.26
C PRO A 161 -11.37 24.85 41.89
N GLY A 162 -12.40 25.30 41.20
CA GLY A 162 -13.16 26.47 41.58
C GLY A 162 -12.64 27.77 41.00
N SER A 163 -11.36 27.85 40.69
CA SER A 163 -10.80 29.08 40.15
C SER A 163 -11.15 29.24 38.69
N ARG A 164 -11.21 30.48 38.26
CA ARG A 164 -11.48 30.79 36.88
C ARG A 164 -10.21 30.88 36.04
N GLU A 165 -9.07 31.06 36.67
CA GLU A 165 -7.81 31.20 35.94
C GLU A 165 -7.17 29.86 35.59
N ALA A 166 -7.54 28.78 36.30
CA ALA A 166 -7.04 27.44 35.98
C ALA A 166 -8.08 26.42 36.41
N PRO A 167 -9.19 26.32 35.66
CA PRO A 167 -10.30 25.46 36.11
C PRO A 167 -10.00 23.98 36.01
N GLY A 168 -8.98 23.58 35.27
CA GLY A 168 -8.69 22.19 35.06
C GLY A 168 -9.45 21.62 33.88
N ASN A 169 -8.97 20.47 33.41
CA ASN A 169 -9.57 19.68 32.33
C ASN A 169 -9.55 20.40 30.98
N VAL A 170 -8.79 21.50 30.84
CA VAL A 170 -8.83 22.24 29.57
C VAL A 170 -8.32 21.38 28.42
N GLY A 171 -7.42 20.43 28.70
CA GLY A 171 -7.04 19.48 27.67
C GLY A 171 -8.23 18.68 27.15
N LEU A 172 -9.18 18.36 28.02
CA LEU A 172 -10.38 17.65 27.56
C LEU A 172 -11.30 18.59 26.79
N LEU A 173 -11.34 19.86 27.19
CA LEU A 173 -12.09 20.84 26.41
C LEU A 173 -11.46 21.07 25.04
N ASP A 174 -10.13 21.00 24.94
CA ASP A 174 -9.48 21.01 23.63
C ASP A 174 -10.05 19.91 22.75
N GLN A 175 -10.13 18.69 23.31
CA GLN A 175 -10.70 17.58 22.56
C GLN A 175 -12.15 17.84 22.19
N ARG A 176 -12.93 18.38 23.13
CA ARG A 176 -14.34 18.68 22.85
C ARG A 176 -14.47 19.73 21.76
N LEU A 177 -13.67 20.79 21.82
CA LEU A 177 -13.70 21.81 20.77
C LEU A 177 -13.43 21.18 19.41
N ALA A 178 -12.44 20.30 19.34
CA ALA A 178 -12.15 19.61 18.08
C ALA A 178 -13.36 18.79 17.62
N LEU A 179 -14.05 18.13 18.55
CA LEU A 179 -15.25 17.38 18.19
C LEU A 179 -16.36 18.29 17.71
N GLN A 180 -16.54 19.45 18.36
CA GLN A 180 -17.48 20.44 17.84
C GLN A 180 -17.09 20.90 16.45
N TRP A 181 -15.78 21.05 16.20
CA TRP A 181 -15.32 21.43 14.87
C TRP A 181 -15.70 20.37 13.85
N VAL A 182 -15.56 19.10 14.21
CA VAL A 182 -15.91 17.99 13.32
C VAL A 182 -17.39 18.07 12.93
N GLN A 183 -18.27 18.29 13.92
CA GLN A 183 -19.70 18.43 13.63
C GLN A 183 -19.96 19.57 12.66
N GLU A 184 -19.29 20.70 12.82
CA GLU A 184 -19.59 21.87 12.01
C GLU A 184 -18.94 21.85 10.64
N ASN A 185 -17.89 21.03 10.44
CA ASN A 185 -17.05 21.17 9.26
C ASN A 185 -16.75 19.90 8.51
N VAL A 186 -17.01 18.71 9.07
CA VAL A 186 -16.51 17.49 8.44
C VAL A 186 -17.26 17.22 7.13
N ALA A 187 -18.51 17.68 7.01
CA ALA A 187 -19.24 17.48 5.77
C ALA A 187 -18.56 18.19 4.60
N ALA A 188 -17.79 19.24 4.87
CA ALA A 188 -17.06 19.90 3.79
C ALA A 188 -15.95 19.03 3.22
N PHE A 189 -15.46 18.05 3.98
CA PHE A 189 -14.48 17.09 3.49
C PHE A 189 -15.13 15.80 2.99
N GLY A 190 -16.45 15.73 3.00
CA GLY A 190 -17.16 14.52 2.62
C GLY A 190 -17.52 13.62 3.78
N GLY A 191 -17.25 14.03 5.01
CA GLY A 191 -17.58 13.21 6.15
C GLY A 191 -19.03 13.35 6.57
N ASP A 192 -19.51 12.32 7.27
CA ASP A 192 -20.87 12.28 7.77
C ASP A 192 -20.88 12.66 9.24
N PRO A 193 -21.34 13.87 9.61
CA PRO A 193 -21.37 14.23 11.03
C PRO A 193 -22.37 13.41 11.85
N THR A 194 -23.28 12.68 11.22
CA THR A 194 -24.20 11.81 11.95
C THR A 194 -23.65 10.41 12.15
N SER A 195 -22.37 10.18 11.82
CA SER A 195 -21.72 8.88 12.01
C SER A 195 -20.24 9.15 12.34
N VAL A 196 -20.01 9.55 13.59
CA VAL A 196 -18.67 9.85 14.08
C VAL A 196 -18.33 8.83 15.16
N THR A 197 -17.19 8.15 15.00
CA THR A 197 -16.70 7.15 15.93
C THR A 197 -15.41 7.65 16.56
N LEU A 198 -15.42 7.82 17.89
CA LEU A 198 -14.22 8.15 18.63
C LEU A 198 -13.40 6.90 18.89
N PHE A 199 -12.09 7.00 18.72
CA PHE A 199 -11.24 5.92 19.20
C PHE A 199 -9.92 6.52 19.68
N GLY A 200 -9.34 5.84 20.66
CA GLY A 200 -8.16 6.34 21.35
C GLY A 200 -7.54 5.21 22.15
N GLU A 201 -6.32 5.46 22.62
CA GLU A 201 -5.54 4.43 23.27
C GLU A 201 -4.96 4.97 24.57
N SER A 202 -4.97 4.15 25.61
CA SER A 202 -4.45 4.57 26.90
C SER A 202 -5.20 5.81 27.35
N ALA A 203 -4.48 6.87 27.69
CA ALA A 203 -5.16 8.10 28.10
C ALA A 203 -6.12 8.60 27.04
N GLY A 204 -5.85 8.29 25.77
CA GLY A 204 -6.83 8.58 24.73
C GLY A 204 -8.09 7.77 24.93
N ALA A 205 -7.95 6.49 25.31
CA ALA A 205 -9.12 5.69 25.62
C ALA A 205 -9.85 6.23 26.85
N ALA A 206 -9.10 6.60 27.90
CA ALA A 206 -9.73 7.22 29.06
C ALA A 206 -10.46 8.50 28.65
N SER A 207 -9.86 9.28 27.75
CA SER A 207 -10.52 10.49 27.26
C SER A 207 -11.82 10.15 26.54
N VAL A 208 -11.78 9.15 25.65
CA VAL A 208 -12.99 8.74 24.94
C VAL A 208 -14.09 8.39 25.92
N GLY A 209 -13.75 7.65 26.98
CA GLY A 209 -14.75 7.27 27.97
C GLY A 209 -15.30 8.47 28.70
N MET A 210 -14.46 9.48 28.96
CA MET A 210 -14.97 10.65 29.66
C MET A 210 -15.93 11.45 28.80
N HIS A 211 -15.72 11.50 27.49
CA HIS A 211 -16.70 12.11 26.61
C HIS A 211 -18.00 11.33 26.60
N LEU A 212 -17.95 10.02 26.81
CA LEU A 212 -19.18 9.24 26.93
C LEU A 212 -19.98 9.66 28.16
N LEU A 213 -19.27 9.99 29.22
CA LEU A 213 -19.86 10.34 30.46
C LEU A 213 -20.11 11.81 30.70
N SER A 214 -19.83 12.63 29.73
CA SER A 214 -20.04 14.08 29.83
C SER A 214 -21.10 14.50 28.81
N PRO A 215 -22.29 14.89 29.24
CA PRO A 215 -23.41 15.11 28.30
C PRO A 215 -23.09 16.08 27.18
N PRO A 216 -22.38 17.20 27.43
CA PRO A 216 -22.05 18.08 26.30
C PRO A 216 -21.21 17.41 25.24
N SER A 217 -20.32 16.50 25.61
CA SER A 217 -19.56 15.76 24.61
C SER A 217 -20.40 14.68 23.94
N ARG A 218 -21.32 14.06 24.69
CA ARG A 218 -22.01 12.86 24.22
C ARG A 218 -22.81 13.13 22.96
N GLY A 219 -23.26 14.36 22.75
CA GLY A 219 -24.00 14.67 21.54
C GLY A 219 -23.15 14.86 20.31
N LEU A 220 -21.83 14.69 20.40
CA LEU A 220 -20.92 14.97 19.30
C LEU A 220 -20.42 13.72 18.59
N PHE A 221 -20.83 12.53 19.03
CA PHE A 221 -20.39 11.30 18.37
C PHE A 221 -21.39 10.19 18.69
N HIS A 222 -21.19 9.04 18.05
CA HIS A 222 -22.20 7.99 18.09
C HIS A 222 -21.66 6.64 18.56
N ARG A 223 -20.38 6.39 18.32
CA ARG A 223 -19.77 5.13 18.72
C ARG A 223 -18.39 5.43 19.32
N ALA A 224 -17.86 4.46 20.06
CA ALA A 224 -16.61 4.64 20.78
C ALA A 224 -15.78 3.36 20.73
N VAL A 225 -14.46 3.54 20.61
CA VAL A 225 -13.50 2.44 20.70
C VAL A 225 -12.49 2.81 21.78
N LEU A 226 -12.35 1.95 22.78
CA LEU A 226 -11.45 2.18 23.92
C LEU A 226 -10.38 1.09 23.91
N GLN A 227 -9.15 1.47 23.59
CA GLN A 227 -8.04 0.54 23.44
C GLN A 227 -7.08 0.70 24.62
N SER A 228 -7.00 -0.32 25.47
CA SER A 228 -6.02 -0.38 26.56
C SER A 228 -6.15 0.81 27.51
N GLY A 229 -7.38 1.24 27.77
CA GLY A 229 -7.62 2.34 28.67
C GLY A 229 -9.09 2.50 28.96
N ALA A 230 -9.38 3.16 30.08
CA ALA A 230 -10.74 3.36 30.54
C ALA A 230 -10.77 4.57 31.44
N PRO A 231 -11.86 5.33 31.46
CA PRO A 231 -11.90 6.53 32.32
C PRO A 231 -11.88 6.20 33.81
N ASN A 232 -12.28 4.98 34.19
CA ASN A 232 -12.32 4.56 35.57
C ASN A 232 -11.01 3.96 36.07
N GLY A 233 -9.95 3.99 35.26
CA GLY A 233 -8.65 3.58 35.73
C GLY A 233 -8.17 4.39 36.94
N PRO A 234 -7.41 3.75 37.83
CA PRO A 234 -6.90 4.46 39.02
C PRO A 234 -5.94 5.60 38.70
N TRP A 235 -5.52 5.74 37.44
CA TRP A 235 -4.56 6.76 37.03
C TRP A 235 -5.19 7.90 36.24
N ALA A 236 -6.45 7.74 35.80
CA ALA A 236 -7.03 8.60 34.79
C ALA A 236 -7.72 9.83 35.36
N THR A 237 -8.07 9.83 36.64
CA THR A 237 -8.70 10.97 37.27
C THR A 237 -8.06 11.22 38.63
N VAL A 238 -8.30 12.41 39.16
CA VAL A 238 -7.81 12.82 40.47
C VAL A 238 -8.89 13.67 41.14
N GLY A 239 -8.93 13.63 42.49
CA GLY A 239 -9.86 14.46 43.23
C GLY A 239 -9.44 15.93 43.27
N MET A 240 -10.40 16.79 43.64
CA MET A 240 -10.14 18.23 43.62
C MET A 240 -9.04 18.60 44.60
N GLY A 241 -9.01 17.94 45.76
CA GLY A 241 -8.05 18.30 46.78
C GLY A 241 -6.63 17.95 46.40
N GLU A 242 -6.42 16.74 45.88
CA GLU A 242 -5.07 16.34 45.48
C GLU A 242 -4.64 17.06 44.22
N ALA A 243 -5.59 17.44 43.34
CA ALA A 243 -5.26 18.27 42.19
C ALA A 243 -4.80 19.65 42.63
N ARG A 244 -5.44 20.22 43.65
CA ARG A 244 -5.03 21.52 44.17
C ARG A 244 -3.67 21.42 44.86
N ARG A 245 -3.45 20.33 45.62
CA ARG A 245 -2.15 20.15 46.27
C ARG A 245 -1.03 20.04 45.25
N ARG A 246 -1.24 19.27 44.19
CA ARG A 246 -0.20 19.12 43.16
C ARG A 246 0.06 20.44 42.44
N ALA A 247 -0.99 21.19 42.12
CA ALA A 247 -0.80 22.48 41.47
C ALA A 247 -0.05 23.45 42.38
N THR A 248 -0.44 23.48 43.66
CA THR A 248 0.21 24.38 44.60
C THR A 248 1.66 23.99 44.82
N GLN A 249 1.96 22.68 44.87
CA GLN A 249 3.34 22.27 45.03
C GLN A 249 4.18 22.62 43.81
N LEU A 250 3.63 22.42 42.61
CA LEU A 250 4.36 22.78 41.40
C LEU A 250 4.68 24.27 41.39
N ALA A 251 3.69 25.10 41.73
CA ALA A 251 3.94 26.54 41.82
C ALA A 251 5.04 26.84 42.83
N HIS A 252 4.98 26.20 44.00
CA HIS A 252 6.02 26.39 45.01
C HIS A 252 7.39 25.98 44.48
N LEU A 253 7.45 24.90 43.68
CA LEU A 253 8.73 24.43 43.18
C LEU A 253 9.34 25.40 42.17
N VAL A 254 8.51 26.10 41.38
CA VAL A 254 9.03 27.02 40.38
C VAL A 254 9.12 28.45 40.89
N GLY A 255 8.56 28.75 42.06
CA GLY A 255 8.75 30.07 42.65
C GLY A 255 7.48 30.88 42.89
N CYS A 256 6.32 30.26 42.82
CA CYS A 256 5.04 30.96 42.96
C CYS A 256 4.31 30.49 44.20
N PRO A 257 3.88 31.39 45.09
CA PRO A 257 4.16 32.82 45.00
C PRO A 257 5.42 33.18 45.77
N PRO A 258 6.04 34.34 45.45
CA PRO A 258 7.22 34.78 46.19
C PRO A 258 6.94 35.08 47.65
N GLY A 262 -0.01 29.57 48.41
CA GLY A 262 -0.61 30.58 47.56
C GLY A 262 -2.09 30.77 47.81
N GLY A 263 -2.43 31.80 48.58
CA GLY A 263 -3.81 32.08 48.91
C GLY A 263 -4.66 32.34 47.68
N ASN A 264 -4.55 33.54 47.12
CA ASN A 264 -5.31 33.91 45.94
C ASN A 264 -4.91 33.09 44.71
N ASP A 265 -5.91 32.50 44.05
CA ASP A 265 -5.67 31.69 42.87
C ASP A 265 -5.28 32.55 41.67
N THR A 266 -5.94 33.70 41.49
CA THR A 266 -5.59 34.60 40.38
C THR A 266 -4.12 35.00 40.45
N GLU A 267 -3.68 35.37 41.60
CA GLU A 267 -2.32 35.74 41.73
C GLU A 267 -1.35 34.61 41.49
N LEU A 268 -1.64 33.42 41.97
CA LEU A 268 -0.74 32.29 41.82
C LEU A 268 -0.65 31.86 40.35
N VAL A 269 -1.77 31.85 39.64
CA VAL A 269 -1.74 31.47 38.23
C VAL A 269 -1.00 32.53 37.42
N ALA A 270 -1.21 33.82 37.75
CA ALA A 270 -0.48 34.88 37.05
C ALA A 270 1.02 34.68 37.17
N CYS A 271 1.49 34.34 38.37
CA CYS A 271 2.91 34.03 38.54
C CYS A 271 3.31 32.80 37.73
N LEU A 272 2.47 31.77 37.72
CA LEU A 272 2.76 30.58 36.91
C LEU A 272 2.84 30.92 35.43
N ARG A 273 2.06 31.92 34.98
CA ARG A 273 2.08 32.27 33.57
C ARG A 273 3.39 32.94 33.14
N THR A 274 4.13 33.53 34.08
CA THR A 274 5.40 34.14 33.73
C THR A 274 6.54 33.13 33.64
N ARG A 275 6.29 31.86 33.97
CA ARG A 275 7.41 30.93 33.93
C ARG A 275 7.53 30.28 32.55
N PRO A 276 8.75 30.10 32.06
CA PRO A 276 8.94 29.42 30.78
C PRO A 276 8.34 28.02 30.82
N ALA A 277 7.78 27.61 29.67
CA ALA A 277 7.11 26.32 29.58
C ALA A 277 8.01 25.18 30.02
N GLN A 278 9.28 25.22 29.61
CA GLN A 278 10.20 24.14 29.92
C GLN A 278 10.41 23.99 31.42
N VAL A 279 10.41 25.10 32.17
CA VAL A 279 10.64 25.00 33.60
C VAL A 279 9.48 24.29 34.30
N LEU A 280 8.25 24.55 33.86
CA LEU A 280 7.11 23.82 34.39
C LEU A 280 7.27 22.33 34.10
N VAL A 281 7.62 21.98 32.86
CA VAL A 281 7.82 20.59 32.47
C VAL A 281 8.89 19.93 33.34
N ASN A 282 9.98 20.66 33.63
CA ASN A 282 11.09 20.06 34.36
C ASN A 282 10.74 19.69 35.79
N HIS A 283 9.74 20.34 36.39
CA HIS A 283 9.40 20.09 37.79
C HIS A 283 8.11 19.31 37.97
N GLU A 284 7.38 19.11 36.88
CA GLU A 284 6.07 18.46 36.89
C GLU A 284 5.93 17.13 37.60
N TRP A 285 6.96 16.31 37.55
CA TRP A 285 6.93 15.00 38.16
C TRP A 285 7.31 15.00 39.62
N HIS A 286 7.87 16.09 40.10
CA HIS A 286 8.27 16.16 41.50
C HIS A 286 7.07 16.31 42.43
N VAL A 287 5.86 16.52 41.91
CA VAL A 287 4.69 16.68 42.77
C VAL A 287 3.98 15.37 43.06
N LEU A 288 4.42 14.27 42.48
CA LEU A 288 3.79 12.98 42.79
C LEU A 288 4.06 12.62 44.23
N PRO A 289 3.03 12.21 44.99
CA PRO A 289 3.24 11.97 46.43
C PRO A 289 4.19 10.81 46.72
N GLN A 290 4.42 9.89 45.77
CA GLN A 290 5.29 8.75 46.04
C GLN A 290 5.94 8.22 44.75
N GLU A 291 6.96 7.39 44.98
CA GLU A 291 7.62 6.63 43.93
C GLU A 291 6.65 5.59 43.37
N SER A 292 6.36 5.68 42.08
CA SER A 292 5.31 4.87 41.50
C SER A 292 5.59 4.70 40.01
N VAL A 293 4.89 3.73 39.44
CA VAL A 293 4.74 3.60 38.01
C VAL A 293 3.26 3.69 37.68
N PHE A 294 2.97 4.07 36.44
CA PHE A 294 1.60 4.19 35.95
C PHE A 294 0.79 5.21 36.77
N ARG A 295 1.44 6.27 37.25
CA ARG A 295 0.77 7.39 37.89
C ARG A 295 1.29 8.69 37.32
N PHE A 296 0.40 9.66 37.12
CA PHE A 296 0.73 10.87 36.37
C PHE A 296 0.29 12.11 37.14
N SER A 297 1.13 13.14 37.11
CA SER A 297 0.93 14.29 37.98
CA SER A 297 0.93 14.29 37.98
C SER A 297 -0.35 15.03 37.65
N PHE A 298 -0.54 15.41 36.39
CA PHE A 298 -1.68 16.25 36.01
C PHE A 298 -2.57 15.48 35.05
N VAL A 299 -3.79 15.21 35.51
CA VAL A 299 -4.76 14.36 34.81
C VAL A 299 -6.15 14.94 35.02
N PRO A 300 -7.18 14.47 34.31
CA PRO A 300 -8.51 15.04 34.52
C PRO A 300 -8.96 15.01 35.98
N VAL A 301 -9.66 16.07 36.38
CA VAL A 301 -10.11 16.25 37.75
C VAL A 301 -11.62 16.06 37.81
N VAL A 302 -12.08 15.32 38.82
CA VAL A 302 -13.51 15.15 39.07
C VAL A 302 -13.94 16.32 39.95
N ASP A 303 -14.52 17.35 39.33
CA ASP A 303 -14.89 18.58 40.02
C ASP A 303 -16.37 18.93 39.87
N GLY A 304 -17.16 18.07 39.25
CA GLY A 304 -18.57 18.31 39.08
C GLY A 304 -18.97 18.97 37.77
N ASP A 305 -18.02 19.51 37.01
CA ASP A 305 -18.37 20.21 35.77
C ASP A 305 -18.27 19.26 34.58
N PHE A 306 -17.06 19.05 34.05
CA PHE A 306 -16.90 18.12 32.94
C PHE A 306 -17.42 16.73 33.33
N LEU A 307 -17.08 16.27 34.53
CA LEU A 307 -17.58 15.01 35.08
C LEU A 307 -18.32 15.32 36.37
N SER A 308 -19.65 15.15 36.37
CA SER A 308 -20.43 15.50 37.54
C SER A 308 -20.17 14.55 38.71
N ASP A 309 -19.58 13.39 38.45
CA ASP A 309 -19.20 12.44 39.50
C ASP A 309 -17.97 11.69 39.01
N THR A 310 -17.47 10.78 39.85
CA THR A 310 -16.42 9.88 39.41
C THR A 310 -16.91 9.07 38.20
N PRO A 311 -16.01 8.73 37.27
CA PRO A 311 -16.44 7.89 36.15
C PRO A 311 -17.06 6.58 36.57
N GLU A 312 -16.61 5.99 37.69
CA GLU A 312 -17.20 4.73 38.12
C GLU A 312 -18.65 4.92 38.56
N ALA A 313 -18.95 6.02 39.25
CA ALA A 313 -20.34 6.28 39.63
C ALA A 313 -21.20 6.57 38.40
N LEU A 314 -20.66 7.29 37.42
CA LEU A 314 -21.45 7.60 36.24
C LEU A 314 -21.64 6.37 35.38
N ILE A 315 -20.64 5.49 35.32
CA ILE A 315 -20.77 4.23 34.60
C ILE A 315 -21.88 3.39 35.21
N ASN A 316 -21.91 3.30 36.54
CA ASN A 316 -22.87 2.43 37.22
C ASN A 316 -24.30 2.97 37.10
N ALA A 317 -24.47 4.29 37.17
CA ALA A 317 -25.78 4.91 37.15
C ALA A 317 -26.17 5.40 35.76
N GLY A 318 -25.53 4.90 34.71
CA GLY A 318 -25.78 5.37 33.35
C GLY A 318 -26.62 4.39 32.55
N ASP A 319 -27.46 4.94 31.68
CA ASP A 319 -28.22 4.16 30.71
C ASP A 319 -27.57 4.33 29.34
N PHE A 320 -27.08 3.23 28.78
CA PHE A 320 -26.29 3.27 27.56
C PHE A 320 -26.99 2.60 26.38
N HIS A 321 -28.32 2.61 26.37
CA HIS A 321 -29.05 2.07 25.24
C HIS A 321 -28.79 2.92 24.00
N GLY A 322 -28.61 2.25 22.86
CA GLY A 322 -28.32 2.92 21.62
C GLY A 322 -26.87 3.21 21.36
N LEU A 323 -25.97 2.73 22.22
CA LEU A 323 -24.55 2.98 22.10
C LEU A 323 -23.81 1.68 21.82
N GLN A 324 -22.87 1.73 20.88
CA GLN A 324 -22.02 0.60 20.53
C GLN A 324 -20.58 0.95 20.87
N VAL A 325 -19.89 0.04 21.56
CA VAL A 325 -18.53 0.27 21.99
CA VAL A 325 -18.53 0.24 22.04
C VAL A 325 -17.68 -0.96 21.67
N LEU A 326 -16.42 -0.70 21.34
CA LEU A 326 -15.42 -1.72 21.06
C LEU A 326 -14.26 -1.48 22.02
N VAL A 327 -13.96 -2.47 22.86
CA VAL A 327 -12.94 -2.33 23.88
C VAL A 327 -11.98 -3.51 23.80
N GLY A 328 -10.77 -3.29 24.29
CA GLY A 328 -9.80 -4.36 24.30
C GLY A 328 -8.50 -3.92 24.93
N VAL A 329 -7.58 -4.88 25.03
CA VAL A 329 -6.28 -4.71 25.65
C VAL A 329 -5.27 -5.56 24.90
N VAL A 330 -3.99 -5.32 25.18
CA VAL A 330 -2.93 -6.19 24.65
C VAL A 330 -2.70 -7.32 25.65
N LYS A 331 -1.93 -8.33 25.24
CA LYS A 331 -1.78 -9.52 26.07
C LYS A 331 -0.96 -9.25 27.32
N ASP A 332 -0.01 -8.29 27.26
CA ASP A 332 0.91 -8.02 28.39
C ASP A 332 0.89 -6.52 28.67
N GLU A 333 -0.19 -6.05 29.30
CA GLU A 333 -0.38 -4.63 29.50
C GLU A 333 0.66 -4.03 30.44
N GLY A 334 1.15 -4.80 31.41
CA GLY A 334 1.95 -4.19 32.45
C GLY A 334 3.45 -4.21 32.25
N SER A 335 3.93 -5.14 31.40
CA SER A 335 5.38 -5.39 31.30
C SER A 335 6.13 -4.12 30.92
N TYR A 336 5.56 -3.32 30.05
CA TYR A 336 6.26 -2.16 29.53
C TYR A 336 6.50 -1.10 30.62
N PHE A 337 5.60 -0.99 31.58
CA PHE A 337 5.73 0.03 32.62
C PHE A 337 6.75 -0.33 33.70
N LEU A 338 7.15 -1.60 33.79
CA LEU A 338 8.02 -2.04 34.88
C LEU A 338 9.45 -1.54 34.73
N VAL A 339 9.91 -1.21 33.53
CA VAL A 339 11.30 -0.76 33.38
C VAL A 339 11.43 0.72 33.73
N TYR A 340 10.38 1.32 34.25
CA TYR A 340 10.38 2.73 34.61
C TYR A 340 10.26 2.93 36.12
N GLY A 341 10.87 2.06 36.92
CA GLY A 341 10.82 2.27 38.36
C GLY A 341 10.89 1.00 39.19
N ALA A 342 10.30 -0.08 38.70
CA ALA A 342 10.25 -1.32 39.46
C ALA A 342 11.67 -1.83 39.70
N PRO A 343 12.02 -2.20 40.94
CA PRO A 343 13.39 -2.65 41.22
C PRO A 343 13.70 -3.96 40.51
N GLY A 344 14.87 -4.03 39.89
CA GLY A 344 15.33 -5.22 39.21
C GLY A 344 14.92 -5.34 37.75
N PHE A 345 14.13 -4.41 37.24
CA PHE A 345 13.63 -4.49 35.88
C PHE A 345 14.49 -3.68 34.92
N SER A 346 14.68 -4.23 33.72
CA SER A 346 15.42 -3.56 32.66
C SER A 346 15.03 -4.23 31.35
N LYS A 347 15.04 -3.44 30.28
CA LYS A 347 14.81 -4.02 28.97
C LYS A 347 16.02 -4.80 28.45
N ASP A 348 17.18 -4.64 29.09
CA ASP A 348 18.43 -5.21 28.59
C ASP A 348 18.87 -6.46 29.33
N ASN A 349 18.17 -6.86 30.39
CA ASN A 349 18.33 -8.20 30.96
C ASN A 349 16.95 -8.82 31.11
N GLU A 350 16.91 -10.05 31.62
CA GLU A 350 15.66 -10.78 31.68
C GLU A 350 14.75 -10.33 32.81
N SER A 351 15.21 -9.44 33.67
CA SER A 351 14.42 -8.90 34.79
C SER A 351 13.81 -10.02 35.63
N LEU A 352 14.63 -11.02 35.95
CA LEU A 352 14.20 -12.11 36.83
C LEU A 352 14.39 -11.64 38.27
N ILE A 353 13.32 -11.10 38.85
CA ILE A 353 13.41 -10.42 40.14
C ILE A 353 13.35 -11.44 41.28
N SER A 354 13.80 -11.01 42.45
CA SER A 354 13.69 -11.79 43.67
C SER A 354 12.33 -11.55 44.33
N ARG A 355 12.07 -12.30 45.41
CA ARG A 355 10.82 -12.10 46.15
C ARG A 355 10.79 -10.70 46.77
N ALA A 356 11.91 -10.28 47.36
CA ALA A 356 11.96 -8.96 47.97
C ALA A 356 11.70 -7.86 46.95
N GLU A 357 12.22 -8.03 45.72
CA GLU A 357 11.97 -7.03 44.69
C GLU A 357 10.52 -7.06 44.22
N PHE A 358 9.93 -8.25 44.17
CA PHE A 358 8.50 -8.38 43.87
C PHE A 358 7.67 -7.62 44.90
N LEU A 359 7.93 -7.85 46.19
CA LEU A 359 7.18 -7.17 47.24
C LEU A 359 7.43 -5.67 47.19
N ALA A 360 8.67 -5.26 46.90
CA ALA A 360 8.94 -3.84 46.72
C ALA A 360 8.24 -3.29 45.48
N GLY A 361 8.16 -4.10 44.42
CA GLY A 361 7.50 -3.64 43.21
C GLY A 361 6.00 -3.47 43.37
N VAL A 362 5.38 -4.27 44.24
CA VAL A 362 3.94 -4.15 44.47
C VAL A 362 3.60 -2.76 45.00
N ARG A 363 4.40 -2.25 45.95
CA ARG A 363 4.14 -0.92 46.48
C ARG A 363 4.33 0.14 45.40
N VAL A 364 5.21 -0.12 44.44
CA VAL A 364 5.40 0.84 43.36
C VAL A 364 4.28 0.71 42.34
N GLY A 365 3.84 -0.51 42.03
CA GLY A 365 2.77 -0.70 41.06
C GLY A 365 1.40 -0.36 41.59
N VAL A 366 1.21 -0.48 42.91
CA VAL A 366 -0.07 -0.13 43.52
C VAL A 366 0.19 0.93 44.58
N PRO A 367 0.44 2.19 44.19
CA PRO A 367 0.83 3.22 45.15
C PRO A 367 -0.31 3.69 46.02
N GLN A 368 0.07 4.14 47.22
CA GLN A 368 -0.83 4.88 48.11
C GLN A 368 -2.00 4.02 48.57
N VAL A 369 -1.69 2.80 49.00
CA VAL A 369 -2.70 1.93 49.60
C VAL A 369 -2.19 1.46 50.95
N SER A 370 -3.13 1.06 51.80
CA SER A 370 -2.77 0.52 53.10
C SER A 370 -1.93 -0.74 52.92
N ASP A 371 -1.14 -1.05 53.95
CA ASP A 371 -0.37 -2.29 53.92
C ASP A 371 -1.27 -3.50 53.83
N LEU A 372 -2.47 -3.43 54.43
CA LEU A 372 -3.43 -4.52 54.28
C LEU A 372 -3.79 -4.71 52.81
N ALA A 373 -4.02 -3.61 52.09
CA ALA A 373 -4.35 -3.71 50.68
C ALA A 373 -3.18 -4.29 49.88
N ALA A 374 -1.98 -3.79 50.13
CA ALA A 374 -0.79 -4.34 49.48
C ALA A 374 -0.69 -5.85 49.71
N GLU A 375 -1.08 -6.32 50.88
CA GLU A 375 -0.87 -7.73 51.18
C GLU A 375 -2.00 -8.59 50.63
N ALA A 376 -3.20 -8.01 50.47
CA ALA A 376 -4.22 -8.66 49.64
C ALA A 376 -3.69 -8.88 48.22
N VAL A 377 -2.94 -7.91 47.69
CA VAL A 377 -2.37 -8.05 46.34
C VAL A 377 -1.34 -9.17 46.31
N VAL A 378 -0.45 -9.19 47.31
CA VAL A 378 0.59 -10.22 47.36
C VAL A 378 -0.04 -11.61 47.47
N LEU A 379 -1.15 -11.72 48.21
CA LEU A 379 -1.80 -13.02 48.38
C LEU A 379 -2.36 -13.52 47.06
N HIS A 380 -2.98 -12.65 46.27
CA HIS A 380 -3.62 -13.11 45.05
C HIS A 380 -2.63 -13.38 43.93
N TYR A 381 -1.49 -12.70 43.93
CA TYR A 381 -0.53 -12.83 42.84
C TYR A 381 0.69 -13.66 43.21
N THR A 382 0.66 -14.36 44.33
CA THR A 382 1.70 -15.29 44.69
C THR A 382 1.24 -16.70 44.39
N ASP A 383 2.07 -17.48 43.70
CA ASP A 383 1.87 -18.91 43.60
C ASP A 383 2.52 -19.54 44.83
N TRP A 384 1.70 -19.97 45.78
CA TRP A 384 2.21 -20.43 47.06
C TRP A 384 2.88 -21.80 47.00
N LEU A 385 2.88 -22.44 45.84
CA LEU A 385 3.74 -23.59 45.61
C LEU A 385 5.07 -23.21 45.01
N HIS A 386 5.18 -21.99 44.45
CA HIS A 386 6.44 -21.49 43.89
C HIS A 386 6.60 -20.02 44.27
N PRO A 387 6.71 -19.71 45.56
CA PRO A 387 6.66 -18.31 45.99
C PRO A 387 7.87 -17.46 45.58
N GLU A 388 8.98 -18.07 45.17
CA GLU A 388 10.22 -17.35 44.87
CA GLU A 388 10.18 -17.31 44.85
C GLU A 388 10.72 -17.60 43.45
N ASP A 389 9.96 -18.28 42.61
CA ASP A 389 10.43 -18.50 41.24
C ASP A 389 10.59 -17.16 40.53
N PRO A 390 11.81 -16.76 40.16
CA PRO A 390 12.00 -15.41 39.60
C PRO A 390 11.18 -15.15 38.35
N ALA A 391 11.09 -16.11 37.44
CA ALA A 391 10.31 -15.89 36.22
C ALA A 391 8.82 -15.73 36.53
N ARG A 392 8.31 -16.50 37.49
CA ARG A 392 6.92 -16.36 37.91
C ARG A 392 6.69 -15.02 38.60
N LEU A 393 7.66 -14.57 39.40
CA LEU A 393 7.52 -13.27 40.05
C LEU A 393 7.53 -12.14 39.03
N ARG A 394 8.39 -12.24 38.01
CA ARG A 394 8.42 -11.23 36.96
C ARG A 394 7.07 -11.13 36.27
N GLU A 395 6.47 -12.28 35.93
CA GLU A 395 5.16 -12.26 35.28
C GLU A 395 4.07 -11.81 36.24
N ALA A 396 4.17 -12.20 37.51
CA ALA A 396 3.16 -11.79 38.48
C ALA A 396 3.10 -10.28 38.62
N LEU A 397 4.27 -9.63 38.75
CA LEU A 397 4.27 -8.18 38.90
C LEU A 397 3.74 -7.50 37.64
N SER A 398 4.07 -8.04 36.46
CA SER A 398 3.49 -7.49 35.24
C SER A 398 1.98 -7.60 35.25
N ASP A 399 1.44 -8.72 35.72
CA ASP A 399 0.00 -8.88 35.80
C ASP A 399 -0.61 -7.89 36.79
N VAL A 400 0.07 -7.64 37.92
CA VAL A 400 -0.44 -6.69 38.91
C VAL A 400 -0.66 -5.33 38.27
N VAL A 401 0.39 -4.78 37.67
CA VAL A 401 0.29 -3.45 37.06
C VAL A 401 -0.71 -3.45 35.92
N GLY A 402 -0.67 -4.48 35.08
CA GLY A 402 -1.57 -4.52 33.94
C GLY A 402 -3.02 -4.73 34.31
N ASP A 403 -3.29 -5.63 35.26
CA ASP A 403 -4.66 -5.86 35.72
C ASP A 403 -5.21 -4.62 36.41
N HIS A 404 -4.45 -4.07 37.35
CA HIS A 404 -4.93 -2.96 38.17
C HIS A 404 -5.17 -1.70 37.34
N ASN A 405 -4.30 -1.43 36.38
CA ASN A 405 -4.37 -0.17 35.65
C ASN A 405 -5.14 -0.25 34.35
N VAL A 406 -5.18 -1.39 33.68
CA VAL A 406 -5.79 -1.44 32.35
C VAL A 406 -6.90 -2.49 32.27
N VAL A 407 -6.55 -3.77 32.43
CA VAL A 407 -7.47 -4.86 32.08
C VAL A 407 -8.72 -4.80 32.95
N CYS A 408 -8.55 -4.62 34.24
CA CYS A 408 -9.72 -4.68 35.09
C CYS A 408 -10.57 -3.41 35.01
N PRO A 409 -9.98 -2.20 34.88
CA PRO A 409 -10.85 -1.05 34.56
C PRO A 409 -11.59 -1.24 33.25
N VAL A 410 -10.92 -1.75 32.21
CA VAL A 410 -11.59 -2.01 30.94
C VAL A 410 -12.68 -3.06 31.11
N ALA A 411 -12.40 -4.13 31.87
CA ALA A 411 -13.40 -5.18 32.06
C ALA A 411 -14.62 -4.67 32.81
N GLN A 412 -14.40 -3.85 33.86
CA GLN A 412 -15.53 -3.29 34.59
CA GLN A 412 -15.54 -3.29 34.59
C GLN A 412 -16.40 -2.42 33.68
N LEU A 413 -15.77 -1.58 32.86
CA LEU A 413 -16.51 -0.73 31.94
C LEU A 413 -17.31 -1.57 30.95
N ALA A 414 -16.65 -2.53 30.31
CA ALA A 414 -17.32 -3.39 29.35
C ALA A 414 -18.50 -4.10 29.99
N GLY A 415 -18.34 -4.55 31.23
CA GLY A 415 -19.41 -5.30 31.88
C GLY A 415 -20.59 -4.43 32.26
N ARG A 416 -20.32 -3.26 32.84
CA ARG A 416 -21.41 -2.39 33.24
C ARG A 416 -22.16 -1.84 32.03
N LEU A 417 -21.43 -1.48 30.97
CA LEU A 417 -22.08 -0.94 29.78
C LEU A 417 -22.94 -2.01 29.11
N ALA A 418 -22.46 -3.25 29.06
CA ALA A 418 -23.25 -4.32 28.47
C ALA A 418 -24.54 -4.56 29.25
N ALA A 419 -24.44 -4.57 30.57
CA ALA A 419 -25.62 -4.84 31.40
C ALA A 419 -26.59 -3.67 31.44
N GLN A 420 -26.21 -2.51 30.93
CA GLN A 420 -27.04 -1.32 31.02
C GLN A 420 -27.41 -0.76 29.66
N GLY A 421 -27.44 -1.62 28.63
CA GLY A 421 -28.07 -1.27 27.37
C GLY A 421 -27.15 -1.08 26.18
N ALA A 422 -25.83 -1.17 26.36
CA ALA A 422 -24.92 -0.95 25.24
C ALA A 422 -24.48 -2.28 24.64
N ARG A 423 -24.28 -2.28 23.32
CA ARG A 423 -23.69 -3.42 22.65
CA ARG A 423 -23.69 -3.41 22.63
C ARG A 423 -22.17 -3.27 22.66
N VAL A 424 -21.50 -4.23 23.30
CA VAL A 424 -20.06 -4.18 23.54
C VAL A 424 -19.39 -5.31 22.79
N TYR A 425 -18.24 -5.01 22.18
CA TYR A 425 -17.36 -6.02 21.60
C TYR A 425 -15.99 -5.89 22.24
N ALA A 426 -15.39 -7.02 22.61
CA ALA A 426 -14.14 -7.04 23.35
C ALA A 426 -13.12 -7.91 22.64
N TYR A 427 -11.86 -7.48 22.73
CA TYR A 427 -10.75 -8.20 22.11
C TYR A 427 -9.56 -8.23 23.07
N VAL A 428 -8.68 -9.20 22.84
CA VAL A 428 -7.34 -9.19 23.40
C VAL A 428 -6.36 -9.33 22.24
N PHE A 429 -5.45 -8.38 22.10
CA PHE A 429 -4.50 -8.32 21.00
C PHE A 429 -3.25 -9.10 21.39
N GLU A 430 -2.95 -10.15 20.64
CA GLU A 430 -1.98 -11.16 21.07
C GLU A 430 -0.84 -11.38 20.08
N HIS A 431 -0.73 -10.54 19.06
CA HIS A 431 0.36 -10.67 18.11
C HIS A 431 1.53 -9.80 18.54
N ARG A 432 2.71 -10.38 18.60
CA ARG A 432 3.94 -9.66 18.85
C ARG A 432 4.58 -9.34 17.51
N ALA A 433 4.76 -8.05 17.23
CA ALA A 433 5.24 -7.64 15.91
C ALA A 433 6.65 -8.17 15.67
N SER A 434 6.92 -8.58 14.43
CA SER A 434 8.25 -9.03 14.07
C SER A 434 9.28 -7.91 14.13
N THR A 435 8.84 -6.65 14.09
CA THR A 435 9.73 -5.51 14.15
C THR A 435 9.92 -4.97 15.56
N LEU A 436 9.35 -5.64 16.56
CA LEU A 436 9.40 -5.16 17.94
C LEU A 436 10.85 -5.14 18.44
N SER A 437 11.25 -4.02 19.05
CA SER A 437 12.60 -3.85 19.57
C SER A 437 12.72 -4.12 21.07
N TRP A 438 11.61 -4.18 21.80
CA TRP A 438 11.61 -4.53 23.21
C TRP A 438 11.94 -6.02 23.38
N PRO A 439 12.46 -6.40 24.55
CA PRO A 439 12.89 -7.80 24.75
C PRO A 439 11.71 -8.77 24.77
N LEU A 440 12.07 -10.05 24.66
CA LEU A 440 11.05 -11.09 24.48
C LEU A 440 10.20 -11.30 25.71
N TRP A 441 10.76 -11.10 26.91
CA TRP A 441 9.98 -11.36 28.12
C TRP A 441 8.81 -10.39 28.26
N MET A 442 8.84 -9.25 27.58
CA MET A 442 7.75 -8.31 27.68
C MET A 442 6.52 -8.73 26.89
N GLY A 443 6.63 -9.75 26.05
CA GLY A 443 5.47 -10.24 25.33
C GLY A 443 4.94 -9.22 24.35
N VAL A 444 3.62 -9.01 24.40
CA VAL A 444 2.96 -8.01 23.57
C VAL A 444 2.72 -6.78 24.44
N PRO A 445 3.59 -5.78 24.39
CA PRO A 445 3.52 -4.68 25.36
C PRO A 445 2.38 -3.72 25.06
N HIS A 446 2.10 -2.90 26.06
CA HIS A 446 1.12 -1.83 25.94
C HIS A 446 1.46 -0.92 24.76
N GLY A 447 0.45 -0.59 23.97
CA GLY A 447 0.61 0.36 22.88
C GLY A 447 1.00 -0.23 21.54
N TYR A 448 1.31 -1.53 21.45
CA TYR A 448 1.90 -2.05 20.23
C TYR A 448 0.90 -2.76 19.31
N GLU A 449 -0.39 -2.58 19.56
CA GLU A 449 -1.41 -2.89 18.58
C GLU A 449 -1.80 -1.69 17.72
N ILE A 450 -1.46 -0.47 18.15
CA ILE A 450 -1.87 0.74 17.42
C ILE A 450 -1.40 0.70 15.98
N GLU A 451 -0.13 0.34 15.76
CA GLU A 451 0.43 0.36 14.41
C GLU A 451 -0.31 -0.59 13.47
N PHE A 452 -0.92 -1.65 14.00
CA PHE A 452 -1.70 -2.54 13.15
C PHE A 452 -3.08 -1.97 12.85
N ILE A 453 -3.67 -1.23 13.78
CA ILE A 453 -4.95 -0.59 13.53
C ILE A 453 -4.81 0.49 12.46
N PHE A 454 -3.71 1.23 12.49
CA PHE A 454 -3.49 2.30 11.52
C PHE A 454 -2.90 1.81 10.21
N GLY A 455 -2.61 0.51 10.08
CA GLY A 455 -2.14 -0.01 8.82
C GLY A 455 -0.70 0.29 8.50
N ILE A 456 0.09 0.68 9.50
CA ILE A 456 1.51 0.98 9.35
C ILE A 456 2.27 -0.13 8.63
N PRO A 457 1.99 -1.42 8.86
CA PRO A 457 2.70 -2.46 8.10
C PRO A 457 2.58 -2.34 6.58
N LEU A 458 1.58 -1.62 6.08
CA LEU A 458 1.44 -1.44 4.63
C LEU A 458 2.41 -0.42 4.06
N ASP A 459 3.12 0.33 4.90
CA ASP A 459 4.17 1.22 4.42
C ASP A 459 5.29 0.38 3.82
N PRO A 460 5.59 0.52 2.52
CA PRO A 460 6.63 -0.32 1.91
C PRO A 460 8.03 -0.08 2.45
N SER A 461 8.31 1.10 3.02
CA SER A 461 9.62 1.36 3.58
C SER A 461 9.89 0.59 4.87
N ARG A 462 8.87 0.00 5.49
CA ARG A 462 9.06 -0.76 6.72
C ARG A 462 9.10 -2.25 6.41
N ASN A 463 9.86 -2.99 7.21
CA ASN A 463 10.12 -4.40 6.93
C ASN A 463 9.19 -5.31 7.71
N TYR A 464 7.89 -5.06 7.65
CA TYR A 464 6.93 -5.97 8.25
C TYR A 464 6.75 -7.20 7.39
N THR A 465 6.36 -8.29 8.04
CA THR A 465 6.06 -9.54 7.35
C THR A 465 4.85 -9.37 6.44
N ALA A 466 4.83 -10.13 5.35
CA ALA A 466 3.66 -10.12 4.47
C ALA A 466 2.41 -10.57 5.21
N GLU A 467 2.54 -11.55 6.10
CA GLU A 467 1.41 -12.01 6.92
C GLU A 467 0.91 -10.91 7.85
N GLU A 468 1.83 -10.14 8.43
CA GLU A 468 1.42 -9.03 9.28
C GLU A 468 0.68 -7.95 8.48
N LYS A 469 0.99 -7.82 7.19
CA LYS A 469 0.26 -6.87 6.36
C LYS A 469 -1.20 -7.30 6.18
N ILE A 470 -1.41 -8.60 5.93
CA ILE A 470 -2.77 -9.12 5.86
C ILE A 470 -3.48 -8.94 7.20
N PHE A 471 -2.77 -9.16 8.31
CA PHE A 471 -3.32 -8.93 9.64
C PHE A 471 -3.77 -7.49 9.81
N ALA A 472 -2.90 -6.54 9.44
CA ALA A 472 -3.27 -5.14 9.51
C ALA A 472 -4.54 -4.85 8.72
N GLN A 473 -4.65 -5.41 7.51
CA GLN A 473 -5.85 -5.17 6.71
C GLN A 473 -7.08 -5.77 7.39
N ARG A 474 -6.92 -6.92 8.04
CA ARG A 474 -8.06 -7.51 8.75
C ARG A 474 -8.50 -6.63 9.91
N LEU A 475 -7.55 -6.06 10.66
CA LEU A 475 -7.90 -5.21 11.79
C LEU A 475 -8.54 -3.90 11.33
N MET A 476 -8.03 -3.30 10.26
CA MET A 476 -8.62 -2.04 9.79
C MET A 476 -10.05 -2.25 9.34
N ARG A 477 -10.37 -3.43 8.80
CA ARG A 477 -11.74 -3.71 8.39
C ARG A 477 -12.66 -3.90 9.59
N TYR A 478 -12.18 -4.60 10.63
CA TYR A 478 -12.94 -4.72 11.86
C TYR A 478 -13.29 -3.35 12.42
N TRP A 479 -12.27 -2.51 12.61
CA TRP A 479 -12.48 -1.16 13.13
C TRP A 479 -13.43 -0.36 12.24
N ALA A 480 -13.24 -0.43 10.91
CA ALA A 480 -14.07 0.38 10.03
C ALA A 480 -15.49 -0.18 9.95
N ASN A 481 -15.64 -1.51 10.00
CA ASN A 481 -16.97 -2.10 10.08
C ASN A 481 -17.70 -1.63 11.33
N PHE A 482 -16.99 -1.59 12.45
CA PHE A 482 -17.60 -1.08 13.66
C PHE A 482 -17.98 0.40 13.51
N ALA A 483 -17.10 1.20 12.90
CA ALA A 483 -17.39 2.61 12.70
C ALA A 483 -18.61 2.80 11.80
N ARG A 484 -18.71 2.00 10.73
CA ARG A 484 -19.85 2.12 9.82
C ARG A 484 -21.13 1.58 10.44
N THR A 485 -21.07 0.41 11.08
CA THR A 485 -22.26 -0.35 11.43
C THR A 485 -22.47 -0.55 12.92
N GLY A 486 -21.51 -0.23 13.77
CA GLY A 486 -21.57 -0.62 15.15
C GLY A 486 -21.30 -2.08 15.41
N ASP A 487 -20.90 -2.83 14.38
CA ASP A 487 -20.61 -4.26 14.48
C ASP A 487 -19.33 -4.52 13.70
N PRO A 488 -18.30 -5.08 14.33
CA PRO A 488 -17.05 -5.35 13.60
C PRO A 488 -17.18 -6.47 12.58
N ASN A 489 -18.23 -7.28 12.66
CA ASN A 489 -18.36 -8.41 11.76
C ASN A 489 -18.77 -7.97 10.36
N GLU A 490 -18.39 -8.78 9.37
CA GLU A 490 -18.73 -8.49 7.99
C GLU A 490 -20.21 -8.73 7.73
N PRO A 491 -20.86 -7.93 6.87
CA PRO A 491 -22.26 -8.12 6.50
C PRO A 491 -22.46 -9.34 5.58
N ALA A 496 -16.66 -17.40 7.86
CA ALA A 496 -16.05 -16.36 8.69
C ALA A 496 -16.51 -16.46 10.14
N PRO A 497 -15.57 -16.64 11.06
CA PRO A 497 -15.94 -16.75 12.48
C PRO A 497 -16.51 -15.42 12.98
N GLN A 498 -17.62 -15.52 13.71
CA GLN A 498 -18.34 -14.35 14.18
C GLN A 498 -17.76 -13.84 15.48
N TRP A 499 -17.66 -12.51 15.59
CA TRP A 499 -17.21 -11.87 16.82
C TRP A 499 -18.45 -11.63 17.70
N PRO A 500 -18.65 -12.41 18.75
CA PRO A 500 -19.87 -12.27 19.55
C PRO A 500 -19.80 -11.03 20.42
N PRO A 501 -20.94 -10.43 20.74
CA PRO A 501 -20.95 -9.31 21.69
C PRO A 501 -20.50 -9.75 23.07
N TYR A 502 -19.87 -8.83 23.78
CA TYR A 502 -19.49 -9.04 25.18
C TYR A 502 -20.70 -8.79 26.08
N THR A 503 -20.95 -9.72 27.00
CA THR A 503 -22.02 -9.59 27.98
C THR A 503 -21.47 -9.87 29.37
N ALA A 504 -22.14 -9.31 30.38
CA ALA A 504 -21.66 -9.47 31.75
C ALA A 504 -21.69 -10.93 32.21
N GLY A 505 -22.53 -11.77 31.61
CA GLY A 505 -22.58 -13.17 31.98
C GLY A 505 -21.56 -14.04 31.25
N ALA A 506 -21.73 -14.19 29.93
CA ALA A 506 -20.82 -15.03 29.16
C ALA A 506 -19.43 -14.42 29.02
N GLN A 507 -19.33 -13.09 28.98
CA GLN A 507 -18.04 -12.39 28.97
C GLN A 507 -17.14 -12.86 27.82
N GLN A 508 -17.73 -13.03 26.64
CA GLN A 508 -16.97 -13.50 25.48
C GLN A 508 -16.17 -12.37 24.84
N TYR A 509 -14.94 -12.70 24.44
CA TYR A 509 -14.08 -11.81 23.69
C TYR A 509 -13.34 -12.63 22.65
N VAL A 510 -12.68 -11.95 21.72
CA VAL A 510 -11.91 -12.63 20.68
C VAL A 510 -10.43 -12.27 20.85
N SER A 511 -9.57 -13.19 20.42
CA SER A 511 -8.14 -12.95 20.37
C SER A 511 -7.77 -12.50 18.97
N LEU A 512 -7.03 -11.40 18.88
CA LEU A 512 -6.55 -10.87 17.61
C LEU A 512 -5.09 -11.26 17.45
N ASP A 513 -4.81 -12.09 16.46
CA ASP A 513 -3.45 -12.42 16.07
C ASP A 513 -3.53 -12.96 14.64
N LEU A 514 -2.44 -13.58 14.18
CA LEU A 514 -2.41 -14.05 12.79
C LEU A 514 -3.35 -15.23 12.57
N ARG A 515 -3.66 -16.00 13.62
CA ARG A 515 -4.65 -17.06 13.50
C ARG A 515 -6.04 -16.46 13.33
N PRO A 516 -7.00 -17.23 12.83
CA PRO A 516 -8.39 -16.77 12.80
C PRO A 516 -8.91 -16.45 14.20
N LEU A 517 -10.02 -15.71 14.24
CA LEU A 517 -10.64 -15.32 15.49
C LEU A 517 -10.92 -16.54 16.36
N GLU A 518 -10.61 -16.41 17.65
CA GLU A 518 -10.90 -17.42 18.64
C GLU A 518 -11.70 -16.75 19.75
N VAL A 519 -12.88 -17.31 20.04
CA VAL A 519 -13.74 -16.77 21.09
C VAL A 519 -13.33 -17.37 22.42
N ARG A 520 -13.11 -16.53 23.42
CA ARG A 520 -12.77 -16.95 24.77
C ARG A 520 -13.68 -16.24 25.76
N ARG A 521 -13.66 -16.72 27.00
CA ARG A 521 -14.51 -16.20 28.06
C ARG A 521 -13.65 -15.60 29.17
N GLY A 522 -14.07 -14.45 29.67
CA GLY A 522 -13.47 -13.88 30.86
C GLY A 522 -12.21 -13.07 30.62
N LEU A 523 -12.30 -11.77 30.87
CA LEU A 523 -11.14 -10.87 30.79
C LEU A 523 -10.46 -10.90 32.16
N ARG A 524 -9.67 -11.95 32.37
CA ARG A 524 -9.03 -12.22 33.66
CA ARG A 524 -9.02 -12.20 33.67
C ARG A 524 -10.05 -12.05 34.79
N ALA A 525 -11.11 -12.85 34.68
CA ALA A 525 -12.27 -12.74 35.56
C ALA A 525 -11.89 -12.89 37.03
N GLN A 526 -11.10 -13.92 37.36
CA GLN A 526 -10.72 -14.12 38.76
C GLN A 526 -9.92 -12.93 39.28
N ALA A 527 -8.94 -12.47 38.51
CA ALA A 527 -8.14 -11.32 38.94
C ALA A 527 -9.01 -10.08 39.09
N CYS A 528 -9.87 -9.82 38.10
CA CYS A 528 -10.61 -8.56 38.11
C CYS A 528 -11.70 -8.55 39.16
N ALA A 529 -12.22 -9.72 39.53
CA ALA A 529 -13.11 -9.79 40.68
C ALA A 529 -12.44 -9.23 41.93
N PHE A 530 -11.14 -9.49 42.09
CA PHE A 530 -10.42 -8.93 43.22
C PHE A 530 -10.34 -7.40 43.12
N TRP A 531 -9.88 -6.89 41.97
CA TRP A 531 -9.72 -5.44 41.85
C TRP A 531 -11.05 -4.72 41.79
N ASN A 532 -12.06 -5.32 41.16
CA ASN A 532 -13.30 -4.59 40.89
C ASN A 532 -14.37 -4.81 41.94
N ARG A 533 -14.37 -5.94 42.63
CA ARG A 533 -15.41 -6.26 43.59
C ARG A 533 -14.95 -6.24 45.04
N PHE A 534 -13.76 -6.77 45.34
CA PHE A 534 -13.34 -6.87 46.73
C PHE A 534 -12.50 -5.68 47.18
N LEU A 535 -11.41 -5.41 46.47
CA LEU A 535 -10.46 -4.39 46.91
C LEU A 535 -11.10 -3.04 47.23
N PRO A 536 -12.08 -2.53 46.48
CA PRO A 536 -12.70 -1.26 46.90
C PRO A 536 -13.38 -1.37 48.26
N LYS A 537 -13.98 -2.53 48.58
CA LYS A 537 -14.57 -2.69 49.90
C LYS A 537 -13.52 -2.67 50.99
N LEU A 538 -12.32 -3.16 50.70
CA LEU A 538 -11.25 -3.12 51.68
C LEU A 538 -10.74 -1.70 51.88
N LEU A 539 -10.64 -0.93 50.80
CA LEU A 539 -10.20 0.46 50.90
C LEU A 539 -11.19 1.33 51.68
N SER A 540 -12.46 0.91 51.78
CA SER A 540 -13.44 1.66 52.56
C SER A 540 -13.35 1.30 54.04
N ALA A 541 -13.19 0.02 54.36
CA ALA A 541 -13.12 -0.44 55.74
C ALA A 541 -11.69 -0.46 56.27
N GLU B 3 11.17 30.23 -33.99
CA GLU B 3 11.56 29.06 -33.23
C GLU B 3 10.64 28.91 -32.02
N ASP B 4 10.09 27.72 -31.87
CA ASP B 4 9.12 27.42 -30.83
C ASP B 4 9.86 26.91 -29.60
N ALA B 5 9.80 27.68 -28.50
CA ALA B 5 10.49 27.29 -27.28
C ALA B 5 9.91 26.03 -26.67
N GLU B 6 8.63 25.74 -26.93
CA GLU B 6 8.04 24.49 -26.43
C GLU B 6 8.73 23.26 -26.98
N LEU B 7 9.38 23.37 -28.14
CA LEU B 7 10.02 22.24 -28.81
C LEU B 7 11.52 22.19 -28.55
N LEU B 8 12.03 23.01 -27.63
CA LEU B 8 13.42 22.97 -27.23
C LEU B 8 13.50 22.48 -25.80
N VAL B 9 14.29 21.43 -25.59
CA VAL B 9 14.45 20.83 -24.27
C VAL B 9 15.92 20.55 -24.06
N THR B 10 16.39 20.78 -22.85
CA THR B 10 17.73 20.40 -22.42
C THR B 10 17.62 19.19 -21.50
N VAL B 11 18.19 18.07 -21.93
CA VAL B 11 18.33 16.90 -21.05
C VAL B 11 19.77 16.83 -20.58
N ARG B 12 20.10 15.82 -19.78
CA ARG B 12 21.45 15.77 -19.19
C ARG B 12 22.53 15.63 -20.25
N GLY B 13 22.23 14.98 -21.37
CA GLY B 13 23.21 14.85 -22.43
C GLY B 13 23.42 16.08 -23.26
N GLY B 14 22.46 16.99 -23.30
CA GLY B 14 22.54 18.18 -24.12
C GLY B 14 21.17 18.61 -24.60
N ARG B 15 21.16 19.41 -25.66
CA ARG B 15 19.94 20.06 -26.12
C ARG B 15 19.26 19.24 -27.22
N LEU B 16 17.93 19.31 -27.24
CA LEU B 16 17.10 18.57 -28.19
C LEU B 16 16.09 19.51 -28.83
N ARG B 17 15.72 19.20 -30.07
N ARG B 17 15.72 19.18 -30.06
CA ARG B 17 14.69 19.93 -30.79
CA ARG B 17 14.70 19.92 -30.80
C ARG B 17 13.63 18.95 -31.24
C ARG B 17 13.62 18.95 -31.24
N GLY B 18 12.38 19.20 -30.84
CA GLY B 18 11.27 18.34 -31.16
C GLY B 18 10.45 18.85 -32.32
N ILE B 19 9.24 18.31 -32.44
CA ILE B 19 8.32 18.65 -33.52
C ILE B 19 6.92 18.70 -32.94
N ARG B 20 6.11 19.62 -33.45
CA ARG B 20 4.71 19.75 -33.08
C ARG B 20 3.87 18.89 -34.02
N LEU B 21 2.97 18.09 -33.45
CA LEU B 21 2.15 17.19 -34.24
C LEU B 21 0.68 17.53 -34.05
N LYS B 22 -0.14 17.20 -35.04
CA LYS B 22 -1.57 17.44 -35.00
C LYS B 22 -2.31 16.17 -34.58
N THR B 23 -3.34 16.34 -33.76
CA THR B 23 -4.32 15.30 -33.46
C THR B 23 -5.69 15.93 -33.60
N PRO B 24 -6.75 15.12 -33.70
CA PRO B 24 -8.10 15.68 -33.78
C PRO B 24 -8.50 16.50 -32.56
N GLY B 25 -7.83 16.33 -31.43
CA GLY B 25 -8.09 17.12 -30.25
C GLY B 25 -7.11 18.26 -30.01
N GLY B 26 -6.22 18.54 -30.96
CA GLY B 26 -5.24 19.58 -30.78
C GLY B 26 -3.81 19.07 -30.86
N PRO B 27 -2.86 19.98 -30.68
CA PRO B 27 -1.45 19.62 -30.87
C PRO B 27 -0.85 18.91 -29.67
N VAL B 28 0.22 18.16 -29.95
CA VAL B 28 1.08 17.60 -28.93
C VAL B 28 2.52 17.87 -29.35
N SER B 29 3.42 17.78 -28.37
CA SER B 29 4.85 17.90 -28.60
C SER B 29 5.47 16.52 -28.62
N ALA B 30 6.28 16.24 -29.64
CA ALA B 30 6.96 14.96 -29.78
C ALA B 30 8.47 15.18 -29.90
N PHE B 31 9.22 14.31 -29.23
CA PHE B 31 10.68 14.29 -29.30
C PHE B 31 11.06 12.85 -29.63
N LEU B 32 11.37 12.61 -30.90
CA LEU B 32 11.59 11.28 -31.43
C LEU B 32 13.06 11.06 -31.75
N GLY B 33 13.54 9.86 -31.47
CA GLY B 33 14.92 9.53 -31.80
C GLY B 33 15.93 10.12 -30.84
N ILE B 34 15.61 10.18 -29.55
CA ILE B 34 16.54 10.66 -28.54
C ILE B 34 17.50 9.54 -28.19
N PRO B 35 18.81 9.72 -28.36
CA PRO B 35 19.76 8.67 -28.00
C PRO B 35 19.90 8.55 -26.48
N PHE B 36 19.64 7.35 -25.95
CA PHE B 36 19.87 7.11 -24.54
C PHE B 36 21.03 6.17 -24.27
N ALA B 37 21.66 5.64 -25.30
CA ALA B 37 22.82 4.77 -25.13
C ALA B 37 23.81 5.00 -26.25
N GLU B 38 25.07 4.70 -25.96
CA GLU B 38 26.07 4.61 -27.02
C GLU B 38 25.69 3.48 -27.97
N PRO B 39 25.93 3.64 -29.26
CA PRO B 39 25.51 2.59 -30.23
C PRO B 39 26.20 1.28 -29.95
N PRO B 40 25.44 0.21 -29.72
CA PRO B 40 26.01 -1.10 -29.37
C PRO B 40 26.54 -1.84 -30.60
N MET B 41 27.59 -1.30 -31.20
CA MET B 41 28.13 -1.78 -32.46
C MET B 41 29.57 -2.24 -32.27
N GLY B 42 30.04 -3.01 -33.26
CA GLY B 42 31.40 -3.49 -33.26
C GLY B 42 31.72 -4.27 -32.01
N PRO B 43 32.70 -3.80 -31.24
CA PRO B 43 33.05 -4.47 -29.99
C PRO B 43 31.98 -4.39 -28.92
N ARG B 44 30.99 -3.51 -29.08
CA ARG B 44 29.90 -3.37 -28.12
C ARG B 44 28.73 -4.30 -28.40
N ARG B 45 28.75 -5.03 -29.51
CA ARG B 45 27.69 -6.01 -29.76
C ARG B 45 27.69 -7.08 -28.67
N PHE B 46 26.50 -7.39 -28.16
CA PHE B 46 26.22 -8.38 -27.09
C PHE B 46 26.52 -7.84 -25.70
N LEU B 47 27.05 -6.64 -25.56
CA LEU B 47 27.42 -6.10 -24.27
C LEU B 47 26.28 -5.29 -23.67
N PRO B 48 26.25 -5.14 -22.36
CA PRO B 48 25.27 -4.25 -21.74
C PRO B 48 25.40 -2.84 -22.31
N PRO B 49 24.31 -2.09 -22.37
CA PRO B 49 24.38 -0.75 -22.95
C PRO B 49 25.18 0.19 -22.08
N GLU B 50 25.84 1.15 -22.73
CA GLU B 50 26.51 2.22 -22.01
C GLU B 50 25.72 3.51 -22.15
N PRO B 51 25.66 4.32 -21.10
CA PRO B 51 24.93 5.59 -21.20
C PRO B 51 25.51 6.47 -22.30
N LYS B 52 24.62 7.17 -23.01
CA LYS B 52 25.03 8.07 -24.08
C LYS B 52 25.90 9.19 -23.53
N GLN B 53 27.06 9.39 -24.15
CA GLN B 53 27.93 10.47 -23.74
CA GLN B 53 27.93 10.47 -23.73
C GLN B 53 27.33 11.81 -24.15
N PRO B 54 27.56 12.87 -23.37
CA PRO B 54 27.00 14.18 -23.70
C PRO B 54 27.46 14.68 -25.07
N TRP B 55 26.62 15.49 -25.69
CA TRP B 55 26.88 16.03 -27.01
C TRP B 55 26.79 17.56 -26.95
N SER B 56 27.47 18.21 -27.87
CA SER B 56 27.30 19.64 -28.06
C SER B 56 26.34 19.88 -29.22
N GLY B 57 25.86 21.11 -29.34
CA GLY B 57 24.86 21.37 -30.36
C GLY B 57 23.50 20.83 -29.95
N VAL B 58 22.61 20.79 -30.94
CA VAL B 58 21.22 20.39 -30.75
C VAL B 58 20.99 19.11 -31.52
N VAL B 59 20.55 18.06 -30.81
CA VAL B 59 20.14 16.83 -31.49
C VAL B 59 18.79 17.03 -32.14
N ASP B 60 18.69 16.64 -33.41
CA ASP B 60 17.43 16.70 -34.13
C ASP B 60 16.54 15.55 -33.69
N ALA B 61 15.48 15.87 -32.94
CA ALA B 61 14.57 14.83 -32.46
C ALA B 61 13.21 14.96 -33.13
N THR B 62 13.20 15.05 -34.45
CA THR B 62 11.97 15.32 -35.20
C THR B 62 11.45 14.10 -35.95
N THR B 63 12.15 12.96 -35.90
CA THR B 63 11.74 11.79 -36.67
C THR B 63 12.20 10.54 -35.96
N PHE B 64 11.49 9.44 -36.19
CA PHE B 64 11.87 8.17 -35.59
C PHE B 64 13.25 7.73 -36.11
N GLN B 65 14.01 7.08 -35.23
CA GLN B 65 15.32 6.58 -35.59
C GLN B 65 15.21 5.15 -36.11
N SER B 66 16.36 4.54 -36.39
CA SER B 66 16.41 3.21 -36.97
C SER B 66 15.77 2.17 -36.05
N VAL B 67 15.33 1.08 -36.67
CA VAL B 67 14.79 -0.08 -35.98
C VAL B 67 15.91 -1.07 -35.71
N CYS B 68 15.92 -1.64 -34.50
CA CYS B 68 16.94 -2.64 -34.18
C CYS B 68 16.85 -3.80 -35.15
N TYR B 69 18.00 -4.37 -35.49
CA TYR B 69 18.07 -5.45 -36.47
C TYR B 69 17.17 -6.61 -36.06
N GLN B 70 16.38 -7.11 -37.01
CA GLN B 70 15.40 -8.14 -36.70
C GLN B 70 14.92 -8.79 -37.98
N TYR B 71 14.37 -10.00 -37.82
CA TYR B 71 13.67 -10.71 -38.88
C TYR B 71 12.46 -9.91 -39.36
N VAL B 72 12.18 -10.01 -40.65
CA VAL B 72 11.03 -9.35 -41.27
C VAL B 72 10.10 -10.43 -41.79
N ASP B 73 8.87 -10.44 -41.29
CA ASP B 73 7.91 -11.46 -41.67
C ASP B 73 7.55 -11.33 -43.15
N THR B 74 7.60 -12.45 -43.88
CA THR B 74 7.33 -12.46 -45.31
C THR B 74 6.27 -13.49 -45.69
N LEU B 75 5.43 -13.88 -44.73
CA LEU B 75 4.51 -15.00 -44.99
C LEU B 75 3.33 -14.56 -45.87
N TYR B 76 2.69 -13.43 -45.53
CA TYR B 76 1.68 -12.83 -46.40
C TYR B 76 2.19 -11.48 -46.89
N PRO B 77 3.05 -11.45 -47.91
CA PRO B 77 3.69 -10.18 -48.31
C PRO B 77 2.66 -9.18 -48.80
N GLY B 78 2.72 -7.97 -48.25
CA GLY B 78 1.78 -6.91 -48.59
C GLY B 78 0.48 -6.93 -47.82
N PHE B 79 0.24 -7.98 -47.02
CA PHE B 79 -0.99 -8.08 -46.24
C PHE B 79 -0.90 -7.16 -45.04
N GLU B 80 -1.96 -6.36 -44.82
CA GLU B 80 -1.93 -5.38 -43.74
C GLU B 80 -1.83 -6.05 -42.37
N GLY B 81 -2.36 -7.27 -42.24
CA GLY B 81 -2.33 -7.94 -40.95
C GLY B 81 -0.93 -8.23 -40.44
N THR B 82 -0.01 -8.54 -41.35
CA THR B 82 1.38 -8.77 -40.97
C THR B 82 2.27 -7.55 -41.13
N GLU B 83 2.06 -6.74 -42.18
CA GLU B 83 2.98 -5.63 -42.44
C GLU B 83 2.88 -4.55 -41.35
N MET B 84 1.73 -4.44 -40.69
CA MET B 84 1.62 -3.47 -39.60
C MET B 84 2.62 -3.72 -38.47
N TRP B 85 3.20 -4.93 -38.39
CA TRP B 85 4.15 -5.26 -37.33
C TRP B 85 5.60 -5.26 -37.80
N ASN B 86 5.85 -5.16 -39.10
CA ASN B 86 7.20 -5.16 -39.62
C ASN B 86 7.85 -3.78 -39.51
N PRO B 87 9.18 -3.72 -39.53
CA PRO B 87 9.87 -2.44 -39.37
C PRO B 87 9.44 -1.45 -40.45
N ASN B 88 9.12 -0.22 -40.00
CA ASN B 88 8.78 0.87 -40.89
C ASN B 88 9.91 1.90 -41.01
N ARG B 89 11.09 1.59 -40.46
CA ARG B 89 12.31 2.37 -40.67
C ARG B 89 13.43 1.40 -41.00
N GLU B 90 14.54 1.96 -41.48
CA GLU B 90 15.72 1.15 -41.79
C GLU B 90 16.21 0.40 -40.56
N LEU B 91 16.79 -0.77 -40.79
CA LEU B 91 17.40 -1.54 -39.72
C LEU B 91 18.85 -1.11 -39.49
N SER B 92 19.26 -1.12 -38.23
CA SER B 92 20.63 -0.82 -37.89
C SER B 92 20.88 -1.33 -36.47
N GLU B 93 22.15 -1.63 -36.17
CA GLU B 93 22.51 -1.90 -34.78
C GLU B 93 22.53 -0.62 -33.95
N ASP B 94 22.70 0.53 -34.60
CA ASP B 94 22.60 1.85 -33.97
C ASP B 94 21.11 2.18 -33.84
N CYS B 95 20.48 1.63 -32.79
CA CYS B 95 19.04 1.69 -32.68
C CYS B 95 18.54 2.05 -31.28
N LEU B 96 19.42 2.40 -30.35
CA LEU B 96 19.03 2.62 -28.96
C LEU B 96 18.57 4.08 -28.80
N TYR B 97 17.35 4.32 -29.25
CA TYR B 97 16.72 5.62 -29.13
C TYR B 97 15.37 5.46 -28.45
N LEU B 98 14.93 6.52 -27.77
CA LEU B 98 13.61 6.55 -27.17
C LEU B 98 12.85 7.78 -27.66
N ASN B 99 11.54 7.79 -27.40
CA ASN B 99 10.64 8.84 -27.86
C ASN B 99 9.80 9.35 -26.69
N VAL B 100 9.55 10.67 -26.67
CA VAL B 100 8.73 11.33 -25.66
C VAL B 100 7.63 12.12 -26.36
N TRP B 101 6.38 11.85 -25.99
CA TRP B 101 5.25 12.69 -26.36
C TRP B 101 4.78 13.41 -25.10
N THR B 102 4.52 14.70 -25.21
CA THR B 102 3.94 15.47 -24.12
C THR B 102 2.83 16.34 -24.68
N PRO B 103 1.91 16.80 -23.83
CA PRO B 103 0.94 17.81 -24.29
C PRO B 103 1.66 19.06 -24.79
N TYR B 104 0.94 19.84 -25.61
CA TYR B 104 1.43 21.12 -26.06
C TYR B 104 0.46 22.20 -25.62
N PRO B 105 0.92 23.27 -24.94
CA PRO B 105 2.34 23.45 -24.61
C PRO B 105 2.79 22.48 -23.52
N ARG B 106 4.09 22.30 -23.38
CA ARG B 106 4.62 21.30 -22.47
C ARG B 106 4.04 21.52 -21.07
N PRO B 107 3.69 20.46 -20.35
CA PRO B 107 3.15 20.64 -19.00
C PRO B 107 4.13 21.38 -18.11
N THR B 108 3.59 22.22 -17.24
CA THR B 108 4.40 22.92 -16.25
C THR B 108 4.17 22.39 -14.83
N SER B 109 3.28 21.40 -14.67
CA SER B 109 2.99 20.60 -13.48
C SER B 109 3.37 19.15 -13.75
N PRO B 110 3.93 18.45 -12.75
CA PRO B 110 4.33 17.05 -12.95
C PRO B 110 3.15 16.20 -13.40
N THR B 111 3.30 15.60 -14.57
CA THR B 111 2.30 14.86 -15.31
C THR B 111 2.63 13.36 -15.28
N PRO B 112 1.64 12.49 -15.06
CA PRO B 112 1.93 11.05 -14.98
C PRO B 112 2.56 10.53 -16.27
N VAL B 113 3.54 9.64 -16.10
CA VAL B 113 4.33 9.11 -17.20
C VAL B 113 3.89 7.69 -17.51
N LEU B 114 3.66 7.40 -18.79
CA LEU B 114 3.45 6.05 -19.27
C LEU B 114 4.65 5.64 -20.11
N VAL B 115 5.21 4.46 -19.81
CA VAL B 115 6.36 3.95 -20.56
C VAL B 115 5.93 2.68 -21.27
N TRP B 116 6.03 2.68 -22.59
CA TRP B 116 5.58 1.57 -23.43
C TRP B 116 6.76 0.69 -23.82
N ILE B 117 6.58 -0.62 -23.69
CA ILE B 117 7.57 -1.61 -24.12
C ILE B 117 6.91 -2.52 -25.13
N TYR B 118 7.31 -2.41 -26.40
CA TYR B 118 6.66 -3.19 -27.44
C TYR B 118 6.97 -4.68 -27.28
N GLY B 119 6.12 -5.50 -27.88
CA GLY B 119 6.34 -6.93 -27.97
C GLY B 119 6.90 -7.33 -29.33
N GLY B 120 6.86 -8.63 -29.58
CA GLY B 120 7.43 -9.19 -30.78
C GLY B 120 8.32 -10.40 -30.50
N GLY B 121 7.95 -11.17 -29.48
CA GLY B 121 8.65 -12.42 -29.18
C GLY B 121 10.11 -12.27 -28.85
N PHE B 122 10.53 -11.09 -28.40
CA PHE B 122 11.93 -10.77 -28.12
C PHE B 122 12.81 -10.86 -29.37
N TYR B 123 12.21 -11.06 -30.55
CA TYR B 123 12.97 -11.09 -31.80
C TYR B 123 12.59 -9.99 -32.78
N SER B 124 11.62 -9.14 -32.47
CA SER B 124 11.16 -8.13 -33.42
C SER B 124 10.46 -7.04 -32.63
N GLY B 125 10.00 -6.01 -33.35
CA GLY B 125 9.31 -4.91 -32.74
C GLY B 125 10.06 -3.59 -32.91
N ALA B 126 9.35 -2.48 -32.74
CA ALA B 126 9.93 -1.16 -32.90
C ALA B 126 9.00 -0.15 -32.25
N SER B 127 9.57 0.87 -31.61
CA SER B 127 8.75 1.91 -31.00
C SER B 127 8.12 2.84 -32.03
N SER B 128 8.53 2.75 -33.29
CA SER B 128 8.09 3.66 -34.35
C SER B 128 6.88 3.15 -35.12
N LEU B 129 6.37 1.95 -34.83
CA LEU B 129 5.23 1.45 -35.57
C LEU B 129 4.03 2.38 -35.40
N ASP B 130 3.23 2.48 -36.47
CA ASP B 130 2.04 3.34 -36.45
C ASP B 130 1.16 3.02 -35.25
N VAL B 131 0.97 1.74 -34.94
CA VAL B 131 0.05 1.35 -33.89
C VAL B 131 0.53 1.75 -32.49
N TYR B 132 1.78 2.20 -32.35
CA TYR B 132 2.29 2.66 -31.05
C TYR B 132 2.40 4.19 -30.96
N ASP B 133 1.77 4.93 -31.88
CA ASP B 133 1.81 6.39 -31.88
C ASP B 133 1.21 6.97 -30.60
N GLY B 134 2.04 7.64 -29.80
CA GLY B 134 1.57 8.13 -28.52
C GLY B 134 0.77 9.42 -28.54
N ARG B 135 0.55 10.01 -29.72
CA ARG B 135 -0.02 11.35 -29.77
C ARG B 135 -1.44 11.41 -29.22
N PHE B 136 -2.22 10.34 -29.41
CA PHE B 136 -3.64 10.41 -29.02
C PHE B 136 -3.80 10.24 -27.51
N LEU B 137 -3.05 9.33 -26.91
CA LEU B 137 -3.12 9.15 -25.47
C LEU B 137 -2.72 10.42 -24.75
N VAL B 138 -1.65 11.04 -25.23
CA VAL B 138 -1.10 12.20 -24.55
C VAL B 138 -2.08 13.36 -24.61
N GLN B 139 -2.73 13.57 -25.77
CA GLN B 139 -3.67 14.67 -25.88
C GLN B 139 -4.93 14.40 -25.08
N ALA B 140 -5.52 13.21 -25.26
CA ALA B 140 -6.81 12.93 -24.65
C ALA B 140 -6.70 12.84 -23.12
N GLU B 141 -5.64 12.23 -22.62
CA GLU B 141 -5.58 11.92 -21.19
C GLU B 141 -4.52 12.71 -20.44
N ARG B 142 -3.82 13.65 -21.10
CA ARG B 142 -2.88 14.55 -20.42
C ARG B 142 -1.82 13.77 -19.67
N THR B 143 -1.08 12.96 -20.40
CA THR B 143 0.03 12.20 -19.84
C THR B 143 1.27 12.46 -20.66
N VAL B 144 2.40 12.10 -20.10
CA VAL B 144 3.64 12.00 -20.85
C VAL B 144 3.83 10.54 -21.22
N LEU B 145 4.07 10.27 -22.49
CA LEU B 145 4.28 8.90 -22.95
C LEU B 145 5.69 8.76 -23.50
N VAL B 146 6.39 7.74 -23.01
CA VAL B 146 7.74 7.40 -23.42
C VAL B 146 7.71 6.00 -24.01
N SER B 147 8.45 5.80 -25.10
CA SER B 147 8.67 4.48 -25.66
C SER B 147 10.12 4.38 -26.08
N MET B 148 10.67 3.18 -26.00
CA MET B 148 12.07 2.99 -26.36
C MET B 148 12.24 1.78 -27.28
N ASN B 149 13.31 1.84 -28.06
CA ASN B 149 13.80 0.67 -28.78
C ASN B 149 14.75 -0.09 -27.89
N TYR B 150 14.65 -1.41 -27.93
CA TYR B 150 15.59 -2.29 -27.25
C TYR B 150 16.02 -3.38 -28.21
N ARG B 151 17.22 -3.90 -27.99
CA ARG B 151 17.77 -4.90 -28.90
C ARG B 151 17.00 -6.20 -28.84
N VAL B 152 16.77 -6.79 -30.01
CA VAL B 152 15.99 -8.01 -30.15
C VAL B 152 16.86 -9.11 -30.69
N GLY B 153 16.31 -10.31 -30.67
CA GLY B 153 16.98 -11.46 -31.22
C GLY B 153 18.32 -11.67 -30.53
N ALA B 154 19.26 -12.22 -31.29
CA ALA B 154 20.57 -12.49 -30.71
C ALA B 154 21.25 -11.22 -30.21
N PHE B 155 21.00 -10.09 -30.87
CA PHE B 155 21.64 -8.84 -30.46
C PHE B 155 21.24 -8.45 -29.05
N GLY B 156 20.04 -8.84 -28.61
CA GLY B 156 19.61 -8.51 -27.27
C GLY B 156 19.65 -9.64 -26.27
N PHE B 157 19.68 -10.90 -26.73
CA PHE B 157 19.48 -12.01 -25.81
C PHE B 157 20.36 -13.22 -26.08
N LEU B 158 21.30 -13.15 -27.01
CA LEU B 158 22.30 -14.19 -27.10
C LEU B 158 23.09 -14.22 -25.79
N ALA B 159 23.21 -15.40 -25.20
CA ALA B 159 23.84 -15.53 -23.89
C ALA B 159 24.79 -16.72 -23.90
N LEU B 160 26.03 -16.46 -23.48
CA LEU B 160 26.95 -17.51 -23.04
C LEU B 160 27.10 -17.33 -21.52
N PRO B 161 26.25 -17.98 -20.72
CA PRO B 161 26.19 -17.64 -19.29
C PRO B 161 27.54 -17.83 -18.60
N GLY B 162 27.85 -16.88 -17.72
CA GLY B 162 29.15 -16.82 -17.07
C GLY B 162 30.19 -16.01 -17.81
N SER B 163 30.00 -15.76 -19.10
CA SER B 163 30.97 -15.01 -19.89
C SER B 163 30.71 -13.51 -19.77
N ARG B 164 31.79 -12.74 -19.89
CA ARG B 164 31.67 -11.29 -19.86
C ARG B 164 31.39 -10.70 -21.25
N GLU B 165 31.70 -11.42 -22.32
CA GLU B 165 31.49 -10.86 -23.65
CA GLU B 165 31.50 -10.91 -23.67
C GLU B 165 30.08 -11.06 -24.17
N ALA B 166 29.30 -11.97 -23.59
CA ALA B 166 27.91 -12.17 -23.98
C ALA B 166 27.11 -12.63 -22.77
N PRO B 167 26.91 -11.73 -21.80
CA PRO B 167 26.29 -12.15 -20.53
C PRO B 167 24.79 -12.43 -20.65
N GLY B 168 24.14 -11.95 -21.71
CA GLY B 168 22.73 -12.18 -21.88
C GLY B 168 21.88 -11.10 -21.22
N ASN B 169 20.63 -11.02 -21.66
CA ASN B 169 19.63 -10.10 -21.14
C ASN B 169 19.96 -8.63 -21.41
N VAL B 170 20.86 -8.32 -22.36
CA VAL B 170 21.22 -6.92 -22.57
C VAL B 170 20.05 -6.14 -23.16
N GLY B 171 19.14 -6.81 -23.88
CA GLY B 171 17.94 -6.14 -24.32
C GLY B 171 17.08 -5.67 -23.15
N LEU B 172 17.03 -6.47 -22.08
CA LEU B 172 16.34 -6.02 -20.87
C LEU B 172 17.10 -4.88 -20.21
N LEU B 173 18.44 -4.93 -20.26
CA LEU B 173 19.22 -3.82 -19.70
C LEU B 173 19.05 -2.56 -20.53
N ASP B 174 18.91 -2.69 -21.85
CA ASP B 174 18.52 -1.51 -22.65
C ASP B 174 17.24 -0.93 -22.11
N GLN B 175 16.29 -1.79 -21.76
CA GLN B 175 15.02 -1.32 -21.21
C GLN B 175 15.23 -0.61 -19.89
N ARG B 176 16.06 -1.18 -19.02
CA ARG B 176 16.34 -0.58 -17.71
C ARG B 176 17.01 0.77 -17.86
N LEU B 177 17.92 0.88 -18.82
CA LEU B 177 18.64 2.14 -19.05
C LEU B 177 17.70 3.24 -19.50
N ALA B 178 16.74 2.91 -20.36
CA ALA B 178 15.76 3.92 -20.76
C ALA B 178 14.89 4.34 -19.58
N LEU B 179 14.58 3.40 -18.68
CA LEU B 179 13.84 3.75 -17.47
C LEU B 179 14.67 4.62 -16.54
N GLN B 180 15.97 4.36 -16.44
CA GLN B 180 16.83 5.27 -15.70
C GLN B 180 16.89 6.63 -16.38
N TRP B 181 16.91 6.64 -17.71
CA TRP B 181 16.89 7.89 -18.44
C TRP B 181 15.63 8.67 -18.10
N VAL B 182 14.50 7.98 -17.97
CA VAL B 182 13.24 8.64 -17.66
C VAL B 182 13.30 9.28 -16.27
N GLN B 183 13.83 8.55 -15.28
CA GLN B 183 13.98 9.12 -13.95
C GLN B 183 14.84 10.38 -13.97
N GLU B 184 15.91 10.37 -14.76
CA GLU B 184 16.84 11.49 -14.77
C GLU B 184 16.37 12.66 -15.63
N ASN B 185 15.48 12.45 -16.61
CA ASN B 185 15.24 13.45 -17.62
C ASN B 185 13.77 13.81 -17.86
N VAL B 186 12.82 12.98 -17.44
CA VAL B 186 11.45 13.19 -17.91
C VAL B 186 10.85 14.44 -17.31
N ALA B 187 11.36 14.93 -16.18
CA ALA B 187 10.84 16.17 -15.61
C ALA B 187 11.10 17.35 -16.54
N ALA B 188 12.17 17.27 -17.34
CA ALA B 188 12.45 18.33 -18.31
C ALA B 188 11.36 18.45 -19.36
N PHE B 189 10.55 17.40 -19.53
CA PHE B 189 9.42 17.42 -20.44
C PHE B 189 8.10 17.64 -19.72
N GLY B 190 8.13 17.91 -18.42
CA GLY B 190 6.92 18.02 -17.63
C GLY B 190 6.42 16.73 -17.04
N GLY B 191 7.14 15.63 -17.20
CA GLY B 191 6.70 14.36 -16.63
C GLY B 191 7.09 14.23 -15.16
N ASP B 192 6.29 13.43 -14.45
CA ASP B 192 6.50 13.19 -13.03
C ASP B 192 7.28 11.88 -12.85
N PRO B 193 8.56 11.93 -12.48
CA PRO B 193 9.33 10.69 -12.31
C PRO B 193 8.83 9.83 -11.15
N THR B 194 8.08 10.39 -10.20
CA THR B 194 7.53 9.60 -9.10
C THR B 194 6.20 8.94 -9.45
N SER B 195 5.79 8.98 -10.72
CA SER B 195 4.54 8.34 -11.15
C SER B 195 4.77 7.77 -12.56
N VAL B 196 5.50 6.65 -12.63
CA VAL B 196 5.79 6.00 -13.90
C VAL B 196 5.05 4.67 -13.92
N THR B 197 4.22 4.49 -14.94
CA THR B 197 3.51 3.24 -15.19
C THR B 197 4.12 2.56 -16.40
N LEU B 198 4.65 1.36 -16.18
CA LEU B 198 5.09 0.54 -17.32
C LEU B 198 3.90 -0.19 -17.92
N PHE B 199 3.84 -0.21 -19.24
CA PHE B 199 2.88 -1.10 -19.89
C PHE B 199 3.48 -1.66 -21.17
N GLY B 200 3.12 -2.89 -21.47
CA GLY B 200 3.66 -3.59 -22.61
C GLY B 200 2.72 -4.71 -23.01
N GLU B 201 2.92 -5.20 -24.23
CA GLU B 201 2.09 -6.25 -24.78
C GLU B 201 2.97 -7.44 -25.18
N SER B 202 2.47 -8.65 -24.98
CA SER B 202 3.22 -9.83 -25.39
C SER B 202 4.57 -9.81 -24.73
N ALA B 203 5.63 -9.99 -25.51
CA ALA B 203 6.97 -9.95 -24.93
C ALA B 203 7.22 -8.64 -24.20
N GLY B 204 6.54 -7.57 -24.59
CA GLY B 204 6.61 -6.35 -23.81
C GLY B 204 6.02 -6.51 -22.42
N ALA B 205 4.88 -7.21 -22.33
CA ALA B 205 4.31 -7.54 -21.03
C ALA B 205 5.24 -8.42 -20.22
N ALA B 206 5.87 -9.41 -20.86
CA ALA B 206 6.82 -10.26 -20.16
C ALA B 206 7.99 -9.43 -19.63
N SER B 207 8.49 -8.48 -20.43
CA SER B 207 9.54 -7.58 -19.98
C SER B 207 9.11 -6.81 -18.74
N VAL B 208 7.93 -6.20 -18.81
CA VAL B 208 7.37 -5.49 -17.64
C VAL B 208 7.37 -6.42 -16.43
N GLY B 209 6.89 -7.65 -16.61
CA GLY B 209 6.87 -8.59 -15.51
C GLY B 209 8.27 -8.87 -14.97
N MET B 210 9.27 -8.91 -15.85
CA MET B 210 10.62 -9.18 -15.39
C MET B 210 11.22 -7.98 -14.67
N HIS B 211 10.88 -6.75 -15.07
CA HIS B 211 11.28 -5.60 -14.29
C HIS B 211 10.63 -5.59 -12.91
N LEU B 212 9.41 -6.13 -12.80
CA LEU B 212 8.78 -6.28 -11.49
C LEU B 212 9.56 -7.23 -10.59
N LEU B 213 10.24 -8.22 -11.17
CA LEU B 213 10.92 -9.24 -10.40
C LEU B 213 12.42 -9.01 -10.29
N SER B 214 12.93 -7.90 -10.82
CA SER B 214 14.35 -7.56 -10.72
C SER B 214 14.50 -6.31 -9.87
N PRO B 215 15.08 -6.41 -8.67
CA PRO B 215 15.09 -5.27 -7.73
C PRO B 215 15.73 -4.01 -8.28
N PRO B 216 16.84 -4.08 -9.04
CA PRO B 216 17.37 -2.84 -9.63
C PRO B 216 16.42 -2.16 -10.61
N SER B 217 15.44 -2.88 -11.16
CA SER B 217 14.44 -2.25 -12.00
C SER B 217 13.27 -1.69 -11.19
N ARG B 218 12.99 -2.28 -10.02
CA ARG B 218 11.77 -1.96 -9.29
CA ARG B 218 11.77 -1.97 -9.28
C ARG B 218 11.75 -0.52 -8.80
N GLY B 219 12.91 0.06 -8.53
CA GLY B 219 12.91 1.45 -8.11
C GLY B 219 12.66 2.47 -9.20
N LEU B 220 12.41 2.04 -10.44
CA LEU B 220 12.30 2.95 -11.57
C LEU B 220 10.88 3.15 -12.06
N PHE B 221 9.89 2.49 -11.45
CA PHE B 221 8.50 2.67 -11.87
C PHE B 221 7.61 2.27 -10.69
N HIS B 222 6.31 2.51 -10.85
CA HIS B 222 5.42 2.41 -9.70
C HIS B 222 4.23 1.50 -9.95
N ARG B 223 3.80 1.37 -11.20
CA ARG B 223 2.67 0.55 -11.55
C ARG B 223 2.96 -0.15 -12.87
N ALA B 224 2.20 -1.20 -13.16
CA ALA B 224 2.49 -2.03 -14.32
C ALA B 224 1.20 -2.48 -14.98
N VAL B 225 1.26 -2.59 -16.31
CA VAL B 225 0.17 -3.10 -17.13
C VAL B 225 0.76 -4.17 -18.04
N LEU B 226 0.22 -5.38 -17.95
CA LEU B 226 0.68 -6.51 -18.74
C LEU B 226 -0.47 -6.96 -19.63
N GLN B 227 -0.32 -6.75 -20.93
CA GLN B 227 -1.34 -7.10 -21.91
C GLN B 227 -0.87 -8.33 -22.67
N SER B 228 -1.62 -9.43 -22.55
CA SER B 228 -1.41 -10.64 -23.36
C SER B 228 0.03 -11.15 -23.27
N GLY B 229 0.57 -11.14 -22.06
CA GLY B 229 1.92 -11.65 -21.85
C GLY B 229 2.27 -11.65 -20.38
N ALA B 230 3.27 -12.46 -20.04
CA ALA B 230 3.65 -12.63 -18.64
C ALA B 230 5.07 -13.17 -18.59
N PRO B 231 5.85 -12.83 -17.55
CA PRO B 231 7.23 -13.32 -17.51
C PRO B 231 7.34 -14.82 -17.27
N ASN B 232 6.29 -15.44 -16.73
CA ASN B 232 6.26 -16.88 -16.48
C ASN B 232 5.75 -17.68 -17.67
N GLY B 233 5.58 -17.07 -18.84
CA GLY B 233 5.20 -17.81 -20.02
C GLY B 233 6.23 -18.85 -20.38
N PRO B 234 5.80 -20.00 -20.92
CA PRO B 234 6.77 -21.02 -21.38
C PRO B 234 7.72 -20.54 -22.46
N TRP B 235 7.43 -19.42 -23.11
CA TRP B 235 8.24 -18.87 -24.18
C TRP B 235 9.15 -17.73 -23.73
N ALA B 236 8.93 -17.19 -22.53
CA ALA B 236 9.53 -15.90 -22.18
C ALA B 236 10.92 -16.02 -21.60
N THR B 237 11.31 -17.18 -21.07
CA THR B 237 12.64 -17.35 -20.50
C THR B 237 13.24 -18.65 -20.99
N VAL B 238 14.56 -18.77 -20.82
CA VAL B 238 15.30 -19.97 -21.22
C VAL B 238 16.35 -20.24 -20.15
N GLY B 239 16.66 -21.53 -19.95
CA GLY B 239 17.69 -21.90 -18.99
C GLY B 239 19.09 -21.63 -19.51
N MET B 240 20.05 -21.60 -18.57
CA MET B 240 21.43 -21.31 -18.93
C MET B 240 21.98 -22.35 -19.90
N GLY B 241 21.71 -23.63 -19.65
CA GLY B 241 22.23 -24.67 -20.52
C GLY B 241 21.72 -24.55 -21.94
N GLU B 242 20.41 -24.37 -22.09
CA GLU B 242 19.84 -24.27 -23.43
C GLU B 242 20.25 -22.97 -24.12
N ALA B 243 20.39 -21.88 -23.35
CA ALA B 243 20.85 -20.63 -23.94
C ALA B 243 22.26 -20.77 -24.50
N ARG B 244 23.14 -21.45 -23.76
CA ARG B 244 24.49 -21.70 -24.26
C ARG B 244 24.47 -22.58 -25.50
N ARG B 245 23.59 -23.58 -25.52
CA ARG B 245 23.50 -24.44 -26.70
C ARG B 245 23.05 -23.65 -27.92
N ARG B 246 22.07 -22.76 -27.74
CA ARG B 246 21.59 -21.99 -28.88
C ARG B 246 22.64 -21.00 -29.36
N ALA B 247 23.35 -20.35 -28.43
CA ALA B 247 24.42 -19.44 -28.82
C ALA B 247 25.51 -20.17 -29.59
N THR B 248 25.89 -21.36 -29.12
CA THR B 248 26.93 -22.13 -29.79
C THR B 248 26.45 -22.62 -31.16
N GLN B 249 25.20 -23.05 -31.25
CA GLN B 249 24.70 -23.54 -32.53
C GLN B 249 24.66 -22.43 -33.57
N LEU B 250 24.25 -21.23 -33.16
CA LEU B 250 24.20 -20.12 -34.10
C LEU B 250 25.59 -19.74 -34.60
N ALA B 251 26.59 -19.80 -33.72
CA ALA B 251 27.97 -19.59 -34.14
C ALA B 251 28.36 -20.59 -35.22
N HIS B 252 28.02 -21.87 -35.02
CA HIS B 252 28.32 -22.89 -36.02
C HIS B 252 27.57 -22.64 -37.31
N LEU B 253 26.33 -22.15 -37.21
CA LEU B 253 25.51 -21.93 -38.41
C LEU B 253 26.04 -20.79 -39.27
N VAL B 254 26.69 -19.80 -38.66
CA VAL B 254 27.25 -18.68 -39.41
C VAL B 254 28.75 -18.84 -39.65
N GLY B 255 29.30 -20.04 -39.46
CA GLY B 255 30.68 -20.31 -39.77
C GLY B 255 31.69 -19.94 -38.71
N CYS B 256 31.28 -19.85 -37.44
CA CYS B 256 32.19 -19.54 -36.35
C CYS B 256 32.43 -20.79 -35.52
N PRO B 257 33.63 -21.35 -35.51
CA PRO B 257 33.89 -22.58 -34.72
C PRO B 257 34.01 -22.26 -33.23
N PRO B 258 33.42 -23.09 -32.34
CA PRO B 258 32.44 -24.18 -32.50
C PRO B 258 31.08 -23.74 -33.03
N ASN B 264 36.11 -21.91 -26.17
CA ASN B 264 36.50 -20.60 -25.67
C ASN B 264 35.42 -19.56 -25.98
N ASP B 265 34.76 -19.06 -24.93
CA ASP B 265 33.68 -18.09 -25.12
C ASP B 265 34.20 -16.81 -25.79
N THR B 266 35.37 -16.41 -25.43
CA THR B 266 35.93 -15.24 -26.00
C THR B 266 36.13 -15.39 -27.48
N GLU B 267 36.62 -16.54 -27.94
CA GLU B 267 36.82 -16.73 -29.35
C GLU B 267 35.54 -16.69 -30.08
N LEU B 268 34.55 -17.36 -29.53
CA LEU B 268 33.27 -17.46 -30.15
C LEU B 268 32.53 -16.14 -30.31
N VAL B 269 32.50 -15.31 -29.29
CA VAL B 269 31.85 -14.02 -29.42
C VAL B 269 32.63 -13.12 -30.38
N ALA B 270 33.96 -13.18 -30.32
CA ALA B 270 34.77 -12.35 -31.22
C ALA B 270 34.47 -12.69 -32.68
N CYS B 271 34.37 -13.97 -33.01
CA CYS B 271 34.01 -14.35 -34.36
C CYS B 271 32.58 -13.93 -34.70
N LEU B 272 31.66 -14.08 -33.74
CA LEU B 272 30.29 -13.64 -33.97
C LEU B 272 30.24 -12.14 -34.26
N ARG B 273 31.11 -11.36 -33.62
CA ARG B 273 31.08 -9.91 -33.81
C ARG B 273 31.57 -9.48 -35.18
N THR B 274 32.29 -10.35 -35.91
CA THR B 274 32.70 -10.02 -37.27
C THR B 274 31.61 -10.24 -38.30
N ARG B 275 30.52 -10.93 -37.93
CA ARG B 275 29.47 -11.22 -38.92
C ARG B 275 28.55 -10.01 -39.07
N PRO B 276 28.14 -9.69 -40.31
CA PRO B 276 27.10 -8.68 -40.50
C PRO B 276 25.83 -9.04 -39.75
N ALA B 277 25.14 -8.02 -39.26
CA ALA B 277 23.96 -8.24 -38.44
C ALA B 277 22.93 -9.10 -39.17
N GLN B 278 22.74 -8.86 -40.46
CA GLN B 278 21.74 -9.60 -41.21
C GLN B 278 22.03 -11.10 -41.26
N VAL B 279 23.32 -11.47 -41.21
CA VAL B 279 23.65 -12.90 -41.23
C VAL B 279 23.16 -13.58 -39.98
N LEU B 280 23.36 -12.95 -38.82
CA LEU B 280 22.82 -13.45 -37.57
C LEU B 280 21.31 -13.60 -37.63
N VAL B 281 20.62 -12.58 -38.15
CA VAL B 281 19.17 -12.64 -38.29
C VAL B 281 18.75 -13.85 -39.13
N ASN B 282 19.46 -14.10 -40.23
CA ASN B 282 19.04 -15.14 -41.18
C ASN B 282 19.10 -16.54 -40.60
N HIS B 283 19.91 -16.77 -39.58
CA HIS B 283 20.12 -18.11 -39.02
C HIS B 283 19.51 -18.28 -37.64
N GLU B 284 18.99 -17.19 -37.07
CA GLU B 284 18.39 -17.22 -35.74
C GLU B 284 17.60 -18.49 -35.53
N TRP B 285 16.55 -18.47 -36.36
N TRP B 285 16.56 -18.47 -36.36
CA TRP B 285 15.50 -19.45 -36.21
CA TRP B 285 15.48 -19.41 -36.26
C TRP B 285 15.90 -20.91 -36.19
C TRP B 285 15.84 -20.90 -36.29
N HIS B 286 16.95 -21.29 -36.92
CA HIS B 286 17.33 -22.68 -37.06
C HIS B 286 18.07 -23.22 -35.83
N VAL B 287 18.14 -22.47 -34.73
CA VAL B 287 18.73 -23.00 -33.51
C VAL B 287 17.69 -23.56 -32.55
N LEU B 288 16.40 -23.44 -32.86
CA LEU B 288 15.38 -24.02 -31.99
C LEU B 288 15.36 -25.54 -32.14
N PRO B 289 15.09 -26.27 -31.05
CA PRO B 289 15.23 -27.73 -31.09
C PRO B 289 14.22 -28.42 -32.00
N GLN B 290 12.98 -27.94 -32.06
CA GLN B 290 11.97 -28.65 -32.82
C GLN B 290 11.05 -27.65 -33.52
N GLU B 291 10.27 -28.17 -34.47
CA GLU B 291 9.23 -27.38 -35.11
C GLU B 291 8.21 -26.92 -34.08
N SER B 292 7.85 -25.64 -34.12
CA SER B 292 6.98 -25.10 -33.09
C SER B 292 6.33 -23.81 -33.56
N VAL B 293 5.33 -23.39 -32.79
CA VAL B 293 4.83 -22.02 -32.83
C VAL B 293 4.89 -21.49 -31.41
N PHE B 294 5.01 -20.16 -31.30
CA PHE B 294 5.05 -19.46 -30.02
C PHE B 294 6.26 -19.88 -29.18
N ARG B 295 7.38 -20.16 -29.84
CA ARG B 295 8.66 -20.29 -29.18
C ARG B 295 9.67 -19.45 -29.93
N PHE B 296 10.65 -18.90 -29.22
CA PHE B 296 11.58 -17.94 -29.79
C PHE B 296 13.01 -18.27 -29.36
N SER B 297 13.95 -17.99 -30.27
CA SER B 297 15.32 -18.49 -30.13
C SER B 297 16.05 -17.81 -28.97
N PHE B 298 16.12 -16.49 -28.99
CA PHE B 298 16.89 -15.75 -28.01
C PHE B 298 15.94 -14.91 -27.16
N VAL B 299 15.79 -15.32 -25.90
CA VAL B 299 14.86 -14.72 -24.96
C VAL B 299 15.61 -14.50 -23.66
N PRO B 300 15.03 -13.81 -22.67
CA PRO B 300 15.70 -13.66 -21.38
C PRO B 300 16.15 -14.99 -20.79
N VAL B 301 17.36 -14.97 -20.22
CA VAL B 301 17.99 -16.14 -19.61
C VAL B 301 17.95 -15.98 -18.09
N VAL B 302 17.61 -17.06 -17.40
CA VAL B 302 17.65 -17.09 -15.94
C VAL B 302 19.04 -17.57 -15.53
N ASP B 303 19.90 -16.63 -15.15
CA ASP B 303 21.29 -16.92 -14.80
C ASP B 303 21.64 -16.46 -13.39
N GLY B 304 20.65 -16.09 -12.58
CA GLY B 304 20.92 -15.60 -11.23
C GLY B 304 21.25 -14.12 -11.14
N ASP B 305 21.31 -13.41 -12.25
CA ASP B 305 21.66 -12.01 -12.19
C ASP B 305 20.45 -11.13 -12.37
N PHE B 306 20.06 -10.80 -13.59
CA PHE B 306 18.83 -10.03 -13.77
C PHE B 306 17.65 -10.70 -13.08
N LEU B 307 17.53 -12.01 -13.21
CA LEU B 307 16.54 -12.79 -12.49
C LEU B 307 17.27 -13.77 -11.59
N SER B 308 17.15 -13.59 -10.28
CA SER B 308 17.85 -14.49 -9.36
C SER B 308 17.27 -15.89 -9.38
N ASP B 309 16.06 -16.05 -9.89
CA ASP B 309 15.42 -17.35 -10.02
C ASP B 309 14.44 -17.27 -11.18
N THR B 310 13.78 -18.39 -11.47
CA THR B 310 12.77 -18.38 -12.52
C THR B 310 11.65 -17.41 -12.13
N PRO B 311 10.99 -16.78 -13.10
CA PRO B 311 9.88 -15.89 -12.77
C PRO B 311 8.81 -16.58 -11.93
N GLU B 312 8.49 -17.84 -12.22
CA GLU B 312 7.50 -18.56 -11.42
C GLU B 312 7.94 -18.66 -9.96
N ALA B 313 9.19 -19.02 -9.72
CA ALA B 313 9.69 -19.08 -8.34
C ALA B 313 9.67 -17.70 -7.69
N LEU B 314 10.03 -16.65 -8.45
CA LEU B 314 10.04 -15.31 -7.89
C LEU B 314 8.62 -14.83 -7.58
N ILE B 315 7.67 -15.18 -8.45
CA ILE B 315 6.28 -14.79 -8.23
C ILE B 315 5.72 -15.49 -6.99
N ASN B 316 6.03 -16.78 -6.80
CA ASN B 316 5.46 -17.53 -5.68
C ASN B 316 6.02 -17.07 -4.35
N ALA B 317 7.23 -16.51 -4.33
CA ALA B 317 7.90 -16.16 -3.10
C ALA B 317 7.84 -14.67 -2.79
N GLY B 318 7.14 -13.88 -3.60
CA GLY B 318 7.22 -12.44 -3.54
C GLY B 318 6.14 -11.82 -2.66
N ASP B 319 6.53 -10.77 -1.94
CA ASP B 319 5.58 -9.89 -1.27
C ASP B 319 5.23 -8.77 -2.26
N PHE B 320 3.95 -8.65 -2.59
CA PHE B 320 3.51 -7.68 -3.59
C PHE B 320 2.52 -6.66 -3.05
N HIS B 321 2.47 -6.47 -1.74
CA HIS B 321 1.72 -5.34 -1.18
C HIS B 321 2.31 -4.04 -1.69
N GLY B 322 1.45 -3.08 -1.99
CA GLY B 322 1.90 -1.82 -2.54
C GLY B 322 2.04 -1.81 -4.05
N LEU B 323 1.69 -2.89 -4.73
CA LEU B 323 1.72 -2.96 -6.17
C LEU B 323 0.29 -2.99 -6.71
N GLN B 324 0.05 -2.24 -7.78
CA GLN B 324 -1.17 -2.36 -8.57
C GLN B 324 -0.79 -2.75 -9.98
N VAL B 325 -1.48 -3.75 -10.54
CA VAL B 325 -1.22 -4.21 -11.90
C VAL B 325 -2.54 -4.33 -12.64
N LEU B 326 -2.50 -3.99 -13.91
CA LEU B 326 -3.60 -4.20 -14.85
C LEU B 326 -3.13 -5.28 -15.83
N VAL B 327 -3.88 -6.37 -15.93
CA VAL B 327 -3.53 -7.45 -16.85
C VAL B 327 -4.77 -7.85 -17.62
N GLY B 328 -4.55 -8.46 -18.78
CA GLY B 328 -5.67 -8.89 -19.57
C GLY B 328 -5.24 -9.61 -20.81
N VAL B 329 -6.25 -10.10 -21.54
CA VAL B 329 -6.08 -10.96 -22.69
C VAL B 329 -7.06 -10.50 -23.76
N VAL B 330 -6.80 -10.92 -24.99
CA VAL B 330 -7.83 -10.82 -26.02
C VAL B 330 -8.63 -12.12 -26.04
N LYS B 331 -9.77 -12.09 -26.72
CA LYS B 331 -10.70 -13.22 -26.67
C LYS B 331 -10.12 -14.48 -27.31
N ASP B 332 -9.25 -14.34 -28.32
CA ASP B 332 -8.73 -15.50 -29.07
C ASP B 332 -7.22 -15.40 -29.22
N GLU B 333 -6.51 -15.68 -28.11
CA GLU B 333 -5.07 -15.44 -28.07
C GLU B 333 -4.29 -16.31 -29.07
N GLY B 334 -4.73 -17.54 -29.31
CA GLY B 334 -3.93 -18.48 -30.10
C GLY B 334 -4.20 -18.46 -31.57
N SER B 335 -5.36 -17.95 -31.94
CA SER B 335 -5.83 -18.07 -33.32
C SER B 335 -4.76 -17.62 -34.33
N TYR B 336 -4.02 -16.56 -34.02
CA TYR B 336 -3.18 -15.93 -35.02
C TYR B 336 -1.85 -16.66 -35.21
N PHE B 337 -1.35 -17.29 -34.14
CA PHE B 337 -0.13 -18.07 -34.23
C PHE B 337 -0.29 -19.35 -35.06
N LEU B 338 -1.53 -19.82 -35.27
CA LEU B 338 -1.70 -21.11 -35.94
C LEU B 338 -1.33 -21.07 -37.42
N VAL B 339 -1.39 -19.90 -38.08
CA VAL B 339 -1.06 -19.85 -39.50
C VAL B 339 0.45 -19.85 -39.74
N TYR B 340 1.22 -19.95 -38.71
CA TYR B 340 2.64 -19.98 -38.86
C TYR B 340 3.23 -21.35 -38.58
N GLY B 341 2.46 -22.40 -38.74
CA GLY B 341 3.04 -23.70 -38.52
C GLY B 341 2.15 -24.84 -38.14
N ALA B 342 0.92 -24.58 -37.81
CA ALA B 342 0.03 -25.65 -37.50
C ALA B 342 -0.48 -26.13 -38.84
N PRO B 343 -0.41 -27.41 -39.08
CA PRO B 343 -0.85 -27.99 -40.34
C PRO B 343 -2.33 -27.83 -40.60
N GLY B 344 -2.69 -27.46 -41.82
CA GLY B 344 -4.07 -27.26 -42.18
C GLY B 344 -4.60 -25.85 -42.02
N PHE B 345 -3.82 -24.93 -41.46
CA PHE B 345 -4.29 -23.59 -41.18
C PHE B 345 -3.85 -22.60 -42.25
N SER B 346 -4.67 -21.58 -42.46
CA SER B 346 -4.39 -20.52 -43.42
C SER B 346 -5.35 -19.36 -43.18
N LYS B 347 -4.85 -18.14 -43.39
CA LYS B 347 -5.73 -16.97 -43.30
C LYS B 347 -6.82 -17.01 -44.37
N ASP B 348 -6.57 -17.72 -45.48
CA ASP B 348 -7.40 -17.59 -46.67
C ASP B 348 -8.43 -18.71 -46.83
N ASN B 349 -8.47 -19.69 -45.93
CA ASN B 349 -9.58 -20.61 -45.88
C ASN B 349 -10.06 -20.72 -44.43
N GLU B 350 -11.07 -21.57 -44.21
CA GLU B 350 -11.68 -21.68 -42.90
C GLU B 350 -10.86 -22.51 -41.92
N SER B 351 -9.74 -23.09 -42.37
CA SER B 351 -8.84 -23.84 -41.50
C SER B 351 -9.58 -24.91 -40.69
N LEU B 352 -10.52 -25.59 -41.34
CA LEU B 352 -11.27 -26.66 -40.70
C LEU B 352 -10.45 -27.95 -40.79
N ILE B 353 -9.74 -28.27 -39.72
CA ILE B 353 -8.71 -29.29 -39.75
C ILE B 353 -9.31 -30.66 -39.38
N SER B 354 -8.58 -31.70 -39.74
CA SER B 354 -8.90 -33.06 -39.35
C SER B 354 -8.36 -33.35 -37.96
N ARG B 355 -8.80 -34.48 -37.38
CA ARG B 355 -8.26 -34.87 -36.09
C ARG B 355 -6.77 -35.22 -36.18
N ALA B 356 -6.35 -35.81 -37.30
CA ALA B 356 -4.93 -36.04 -37.51
C ALA B 356 -4.14 -34.74 -37.45
N GLU B 357 -4.61 -33.71 -38.15
CA GLU B 357 -3.92 -32.42 -38.13
C GLU B 357 -3.99 -31.78 -36.75
N PHE B 358 -5.11 -31.95 -36.05
CA PHE B 358 -5.23 -31.45 -34.69
C PHE B 358 -4.18 -32.07 -33.79
N LEU B 359 -4.07 -33.41 -33.80
CA LEU B 359 -3.07 -34.09 -32.99
C LEU B 359 -1.66 -33.68 -33.38
N ALA B 360 -1.41 -33.51 -34.68
CA ALA B 360 -0.12 -32.99 -35.11
C ALA B 360 0.07 -31.56 -34.62
N GLY B 361 -0.99 -30.77 -34.62
CA GLY B 361 -0.88 -29.38 -34.16
C GLY B 361 -0.55 -29.28 -32.68
N VAL B 362 -0.99 -30.26 -31.88
CA VAL B 362 -0.73 -30.22 -30.45
C VAL B 362 0.77 -30.35 -30.17
N ARG B 363 1.48 -31.19 -30.94
CA ARG B 363 2.91 -31.35 -30.73
C ARG B 363 3.68 -30.10 -31.14
N VAL B 364 3.23 -29.43 -32.19
CA VAL B 364 3.87 -28.17 -32.56
C VAL B 364 3.49 -27.06 -31.57
N GLY B 365 2.26 -27.08 -31.06
CA GLY B 365 1.84 -26.02 -30.14
C GLY B 365 2.32 -26.23 -28.73
N VAL B 366 2.62 -27.47 -28.35
CA VAL B 366 3.18 -27.75 -27.02
C VAL B 366 4.50 -28.49 -27.22
N PRO B 367 5.54 -27.83 -27.69
CA PRO B 367 6.77 -28.55 -28.06
C PRO B 367 7.60 -28.94 -26.86
N GLN B 368 8.45 -29.96 -27.08
CA GLN B 368 9.47 -30.38 -26.11
C GLN B 368 8.85 -30.94 -24.83
N VAL B 369 7.79 -31.74 -24.97
CA VAL B 369 7.22 -32.44 -23.83
C VAL B 369 7.05 -33.91 -24.16
N SER B 370 6.89 -34.71 -23.10
CA SER B 370 6.73 -36.15 -23.26
C SER B 370 5.40 -36.45 -23.96
N ASP B 371 5.33 -37.66 -24.53
CA ASP B 371 4.10 -38.11 -25.16
C ASP B 371 2.95 -38.14 -24.14
N LEU B 372 3.25 -38.51 -22.90
CA LEU B 372 2.22 -38.50 -21.88
C LEU B 372 1.67 -37.10 -21.66
N ALA B 373 2.56 -36.10 -21.59
CA ALA B 373 2.08 -34.72 -21.45
C ALA B 373 1.22 -34.33 -22.64
N ALA B 374 1.63 -34.71 -23.85
CA ALA B 374 0.83 -34.38 -25.03
C ALA B 374 -0.53 -35.07 -25.00
N GLU B 375 -0.56 -36.33 -24.59
CA GLU B 375 -1.84 -37.02 -24.52
C GLU B 375 -2.74 -36.40 -23.46
N ALA B 376 -2.15 -35.90 -22.38
CA ALA B 376 -2.96 -35.18 -21.38
C ALA B 376 -3.60 -33.93 -21.99
N VAL B 377 -2.86 -33.22 -22.85
CA VAL B 377 -3.42 -32.06 -23.54
C VAL B 377 -4.59 -32.49 -24.42
N VAL B 378 -4.38 -33.55 -25.20
CA VAL B 378 -5.42 -34.05 -26.10
C VAL B 378 -6.66 -34.44 -25.31
N LEU B 379 -6.46 -35.07 -24.14
CA LEU B 379 -7.60 -35.47 -23.32
C LEU B 379 -8.41 -34.25 -22.89
N HIS B 380 -7.73 -33.18 -22.48
CA HIS B 380 -8.42 -32.02 -21.91
CA HIS B 380 -8.44 -32.05 -21.92
C HIS B 380 -9.13 -31.20 -22.98
N TYR B 381 -8.61 -31.20 -24.21
CA TYR B 381 -9.13 -30.35 -25.26
C TYR B 381 -9.92 -31.12 -26.32
N THR B 382 -10.26 -32.37 -26.05
CA THR B 382 -11.15 -33.13 -26.92
C THR B 382 -12.54 -33.16 -26.30
N ASP B 383 -13.55 -32.84 -27.11
CA ASP B 383 -14.93 -33.15 -26.73
C ASP B 383 -15.19 -34.57 -27.22
N TRP B 384 -15.28 -35.51 -26.28
CA TRP B 384 -15.37 -36.91 -26.66
C TRP B 384 -16.76 -37.30 -27.16
N LEU B 385 -17.69 -36.36 -27.25
CA LEU B 385 -18.92 -36.58 -27.98
C LEU B 385 -18.85 -36.08 -29.42
N HIS B 386 -17.88 -35.23 -29.74
CA HIS B 386 -17.62 -34.80 -31.12
C HIS B 386 -16.11 -34.76 -31.34
N PRO B 387 -15.44 -35.91 -31.31
CA PRO B 387 -13.97 -35.90 -31.34
C PRO B 387 -13.36 -35.50 -32.68
N GLU B 388 -14.14 -35.55 -33.77
CA GLU B 388 -13.60 -35.32 -35.10
C GLU B 388 -14.21 -34.11 -35.80
N ASP B 389 -15.02 -33.31 -35.10
CA ASP B 389 -15.65 -32.16 -35.72
C ASP B 389 -14.61 -31.11 -36.08
N PRO B 390 -14.44 -30.76 -37.36
CA PRO B 390 -13.38 -29.81 -37.74
C PRO B 390 -13.50 -28.43 -37.10
N ALA B 391 -14.70 -27.88 -37.00
CA ALA B 391 -14.82 -26.55 -36.40
C ALA B 391 -14.43 -26.58 -34.92
N ARG B 392 -14.83 -27.63 -34.21
CA ARG B 392 -14.45 -27.76 -32.80
C ARG B 392 -12.95 -27.99 -32.66
N LEU B 393 -12.36 -28.73 -33.60
CA LEU B 393 -10.93 -29.01 -33.52
C LEU B 393 -10.10 -27.74 -33.80
N ARG B 394 -10.50 -26.97 -34.81
CA ARG B 394 -9.84 -25.69 -35.04
C ARG B 394 -9.91 -24.81 -33.80
N GLU B 395 -11.10 -24.69 -33.20
CA GLU B 395 -11.24 -23.89 -31.99
C GLU B 395 -10.42 -24.47 -30.84
N ALA B 396 -10.39 -25.81 -30.71
CA ALA B 396 -9.67 -26.41 -29.60
C ALA B 396 -8.17 -26.17 -29.71
N LEU B 397 -7.60 -26.33 -30.92
CA LEU B 397 -6.17 -26.08 -31.08
C LEU B 397 -5.84 -24.61 -30.83
N SER B 398 -6.72 -23.70 -31.23
CA SER B 398 -6.50 -22.29 -30.92
C SER B 398 -6.51 -22.07 -29.41
N ASP B 399 -7.39 -22.79 -28.71
CA ASP B 399 -7.42 -22.68 -27.25
C ASP B 399 -6.18 -23.29 -26.61
N VAL B 400 -5.67 -24.39 -27.16
CA VAL B 400 -4.43 -24.98 -26.63
C VAL B 400 -3.31 -23.96 -26.67
N VAL B 401 -3.10 -23.34 -27.83
CA VAL B 401 -1.99 -22.41 -27.99
C VAL B 401 -2.22 -21.16 -27.15
N GLY B 402 -3.46 -20.65 -27.13
CA GLY B 402 -3.75 -19.43 -26.38
C GLY B 402 -3.69 -19.63 -24.88
N ASP B 403 -4.24 -20.76 -24.39
CA ASP B 403 -4.23 -21.02 -22.95
C ASP B 403 -2.81 -21.26 -22.45
N HIS B 404 -2.06 -22.09 -23.17
CA HIS B 404 -0.73 -22.50 -22.72
C HIS B 404 0.25 -21.33 -22.72
N ASN B 405 0.20 -20.49 -23.75
CA ASN B 405 1.22 -19.46 -23.88
C ASN B 405 0.82 -18.10 -23.31
N VAL B 406 -0.48 -17.81 -23.17
CA VAL B 406 -0.89 -16.46 -22.75
C VAL B 406 -1.86 -16.49 -21.58
N VAL B 407 -3.03 -17.11 -21.77
CA VAL B 407 -4.13 -16.97 -20.82
C VAL B 407 -3.75 -17.54 -19.46
N CYS B 408 -3.25 -18.78 -19.44
CA CYS B 408 -2.92 -19.35 -18.14
C CYS B 408 -1.67 -18.77 -17.50
N PRO B 409 -0.61 -18.44 -18.24
CA PRO B 409 0.46 -17.67 -17.60
C PRO B 409 -0.03 -16.36 -16.99
N VAL B 410 -0.87 -15.61 -17.71
CA VAL B 410 -1.42 -14.37 -17.17
C VAL B 410 -2.28 -14.67 -15.95
N ALA B 411 -3.09 -15.72 -16.01
CA ALA B 411 -3.97 -16.05 -14.90
C ALA B 411 -3.18 -16.47 -13.66
N GLN B 412 -2.09 -17.22 -13.87
CA GLN B 412 -1.22 -17.58 -12.74
CA GLN B 412 -1.22 -17.58 -12.74
C GLN B 412 -0.62 -16.32 -12.11
N LEU B 413 -0.07 -15.44 -12.95
CA LEU B 413 0.47 -14.18 -12.45
C LEU B 413 -0.59 -13.41 -11.65
N ALA B 414 -1.78 -13.26 -12.23
CA ALA B 414 -2.84 -12.50 -11.57
C ALA B 414 -3.22 -13.11 -10.24
N GLY B 415 -3.37 -14.44 -10.20
CA GLY B 415 -3.77 -15.09 -8.96
C GLY B 415 -2.72 -14.99 -7.88
N ARG B 416 -1.45 -15.16 -8.24
CA ARG B 416 -0.41 -15.16 -7.21
C ARG B 416 -0.18 -13.77 -6.64
N LEU B 417 -0.14 -12.75 -7.51
CA LEU B 417 0.06 -11.38 -7.05
C LEU B 417 -1.11 -10.89 -6.21
N ALA B 418 -2.34 -11.21 -6.62
CA ALA B 418 -3.50 -10.80 -5.84
C ALA B 418 -3.45 -11.41 -4.45
N ALA B 419 -3.19 -12.72 -4.37
CA ALA B 419 -3.14 -13.42 -3.09
C ALA B 419 -1.94 -13.00 -2.24
N GLN B 420 -0.96 -12.31 -2.81
CA GLN B 420 0.25 -11.96 -2.08
C GLN B 420 0.43 -10.45 -1.98
N GLY B 421 -0.65 -9.68 -2.03
CA GLY B 421 -0.66 -8.29 -1.64
C GLY B 421 -0.96 -7.29 -2.74
N ALA B 422 -0.85 -7.67 -4.02
CA ALA B 422 -1.09 -6.72 -5.10
C ALA B 422 -2.59 -6.50 -5.31
N ARG B 423 -2.92 -5.29 -5.77
CA ARG B 423 -4.27 -5.04 -6.26
C ARG B 423 -4.25 -5.23 -7.78
N VAL B 424 -5.07 -6.16 -8.26
CA VAL B 424 -5.01 -6.66 -9.62
C VAL B 424 -6.34 -6.37 -10.30
N TYR B 425 -6.28 -5.80 -11.50
CA TYR B 425 -7.46 -5.64 -12.35
C TYR B 425 -7.25 -6.45 -13.61
N ALA B 426 -8.25 -7.25 -13.98
CA ALA B 426 -8.17 -8.15 -15.13
C ALA B 426 -9.26 -7.82 -16.15
N TYR B 427 -8.93 -7.98 -17.43
CA TYR B 427 -9.88 -7.75 -18.51
C TYR B 427 -9.73 -8.84 -19.58
N VAL B 428 -10.80 -9.02 -20.34
CA VAL B 428 -10.73 -9.74 -21.62
C VAL B 428 -11.24 -8.79 -22.70
N PHE B 429 -10.40 -8.52 -23.69
CA PHE B 429 -10.75 -7.63 -24.79
C PHE B 429 -11.51 -8.43 -25.84
N GLU B 430 -12.79 -8.10 -26.04
CA GLU B 430 -13.68 -8.94 -26.83
C GLU B 430 -14.24 -8.27 -28.07
N HIS B 431 -13.74 -7.09 -28.44
CA HIS B 431 -14.24 -6.39 -29.61
C HIS B 431 -13.36 -6.67 -30.82
N ARG B 432 -13.99 -7.03 -31.94
CA ARG B 432 -13.29 -7.28 -33.20
C ARG B 432 -13.41 -6.04 -34.07
N ALA B 433 -12.27 -5.42 -34.39
CA ALA B 433 -12.26 -4.16 -35.12
C ALA B 433 -12.94 -4.30 -36.48
N SER B 434 -13.76 -3.30 -36.83
CA SER B 434 -14.39 -3.30 -38.14
C SER B 434 -13.37 -3.23 -39.27
N THR B 435 -12.16 -2.77 -38.99
CA THR B 435 -11.09 -2.68 -39.97
C THR B 435 -10.21 -3.93 -40.02
N LEU B 436 -10.49 -4.93 -39.17
CA LEU B 436 -9.63 -6.11 -39.09
C LEU B 436 -9.65 -6.88 -40.40
N SER B 437 -8.46 -7.15 -40.95
CA SER B 437 -8.32 -7.84 -42.22
C SER B 437 -8.16 -9.36 -42.07
N TRP B 438 -7.84 -9.83 -40.86
CA TRP B 438 -7.76 -11.27 -40.62
C TRP B 438 -9.14 -11.91 -40.78
N PRO B 439 -9.19 -13.20 -41.17
CA PRO B 439 -10.49 -13.84 -41.39
C PRO B 439 -11.32 -13.90 -40.12
N LEU B 440 -12.62 -14.10 -40.31
CA LEU B 440 -13.55 -14.04 -39.18
C LEU B 440 -13.32 -15.18 -38.19
N TRP B 441 -12.86 -16.35 -38.66
CA TRP B 441 -12.69 -17.48 -37.75
C TRP B 441 -11.61 -17.21 -36.72
N MET B 442 -10.76 -16.22 -36.93
CA MET B 442 -9.74 -15.89 -35.95
C MET B 442 -10.28 -15.12 -34.75
N GLY B 443 -11.53 -14.64 -34.80
CA GLY B 443 -12.09 -13.95 -33.66
C GLY B 443 -11.39 -12.63 -33.40
N VAL B 444 -11.01 -12.41 -32.15
CA VAL B 444 -10.25 -11.22 -31.74
C VAL B 444 -8.80 -11.64 -31.56
N PRO B 445 -7.94 -11.48 -32.55
CA PRO B 445 -6.62 -12.10 -32.51
C PRO B 445 -5.66 -11.36 -31.60
N HIS B 446 -4.55 -12.04 -31.30
CA HIS B 446 -3.51 -11.50 -30.44
C HIS B 446 -2.97 -10.19 -31.00
N GLY B 447 -2.89 -9.17 -30.13
CA GLY B 447 -2.29 -7.90 -30.48
C GLY B 447 -3.26 -6.82 -30.95
N TYR B 448 -4.54 -7.13 -31.12
CA TYR B 448 -5.45 -6.19 -31.76
C TYR B 448 -6.28 -5.38 -30.78
N GLU B 449 -5.90 -5.40 -29.50
CA GLU B 449 -6.40 -4.42 -28.56
C GLU B 449 -5.50 -3.18 -28.48
N ILE B 450 -4.26 -3.28 -28.95
CA ILE B 450 -3.29 -2.20 -28.80
C ILE B 450 -3.80 -0.93 -29.48
N GLU B 451 -4.33 -1.06 -30.70
CA GLU B 451 -4.72 0.12 -31.45
C GLU B 451 -5.82 0.89 -30.75
N PHE B 452 -6.67 0.20 -29.97
CA PHE B 452 -7.70 0.89 -29.21
C PHE B 452 -7.12 1.56 -27.97
N ILE B 453 -6.14 0.92 -27.32
CA ILE B 453 -5.49 1.53 -26.15
C ILE B 453 -4.78 2.81 -26.54
N PHE B 454 -4.14 2.82 -27.70
CA PHE B 454 -3.42 4.01 -28.15
C PHE B 454 -4.32 5.03 -28.84
N GLY B 455 -5.63 4.78 -28.91
CA GLY B 455 -6.51 5.76 -29.52
C GLY B 455 -6.39 5.88 -31.03
N ILE B 456 -5.80 4.88 -31.69
CA ILE B 456 -5.69 4.94 -33.15
C ILE B 456 -7.03 5.19 -33.82
N PRO B 457 -8.16 4.64 -33.37
CA PRO B 457 -9.44 4.94 -34.05
C PRO B 457 -9.79 6.41 -34.13
N LEU B 458 -9.17 7.27 -33.32
CA LEU B 458 -9.47 8.71 -33.42
C LEU B 458 -8.84 9.34 -34.65
N ASP B 459 -7.88 8.67 -35.28
CA ASP B 459 -7.26 9.17 -36.51
C ASP B 459 -8.32 9.29 -37.60
N PRO B 460 -8.62 10.50 -38.09
CA PRO B 460 -9.71 10.64 -39.07
C PRO B 460 -9.43 9.96 -40.38
N SER B 461 -8.16 9.78 -40.75
CA SER B 461 -7.80 9.09 -41.98
C SER B 461 -8.02 7.58 -41.90
N ARG B 462 -8.48 7.04 -40.77
CA ARG B 462 -8.82 5.63 -40.66
C ARG B 462 -10.33 5.45 -40.72
N ASN B 463 -10.75 4.21 -40.95
CA ASN B 463 -12.13 3.89 -41.23
C ASN B 463 -12.87 3.29 -40.03
N TYR B 464 -12.51 3.70 -38.82
CA TYR B 464 -13.20 3.19 -37.64
C TYR B 464 -14.55 3.89 -37.47
N THR B 465 -15.49 3.17 -36.86
CA THR B 465 -16.83 3.71 -36.66
C THR B 465 -16.85 4.73 -35.53
N ALA B 466 -17.98 5.43 -35.42
CA ALA B 466 -18.18 6.39 -34.34
C ALA B 466 -18.19 5.70 -32.97
N GLU B 467 -18.89 4.56 -32.85
CA GLU B 467 -18.88 3.83 -31.58
C GLU B 467 -17.51 3.27 -31.25
N GLU B 468 -16.71 2.92 -32.25
CA GLU B 468 -15.35 2.45 -31.99
C GLU B 468 -14.46 3.57 -31.45
N LYS B 469 -14.66 4.81 -31.92
CA LYS B 469 -13.90 5.93 -31.37
C LYS B 469 -14.27 6.16 -29.91
N ILE B 470 -15.56 6.15 -29.60
CA ILE B 470 -16.00 6.25 -28.20
C ILE B 470 -15.38 5.14 -27.38
N PHE B 471 -15.35 3.91 -27.93
CA PHE B 471 -14.74 2.78 -27.24
C PHE B 471 -13.25 3.03 -26.97
N ALA B 472 -12.53 3.52 -27.99
CA ALA B 472 -11.13 3.87 -27.79
C ALA B 472 -10.96 4.89 -26.66
N GLN B 473 -11.80 5.92 -26.65
CA GLN B 473 -11.74 6.92 -25.58
C GLN B 473 -12.04 6.30 -24.23
N ARG B 474 -12.98 5.35 -24.19
CA ARG B 474 -13.24 4.59 -22.96
C ARG B 474 -11.97 3.87 -22.48
N LEU B 475 -11.30 3.16 -23.39
CA LEU B 475 -10.13 2.38 -23.00
C LEU B 475 -8.97 3.27 -22.57
N MET B 476 -8.76 4.39 -23.28
CA MET B 476 -7.69 5.30 -22.88
C MET B 476 -7.95 5.86 -21.49
N ARG B 477 -9.21 6.13 -21.16
CA ARG B 477 -9.55 6.64 -19.83
C ARG B 477 -9.28 5.60 -18.74
N TYR B 478 -9.67 4.34 -18.97
CA TYR B 478 -9.35 3.27 -18.02
C TYR B 478 -7.84 3.20 -17.79
N TRP B 479 -7.07 3.11 -18.88
CA TRP B 479 -5.63 2.97 -18.76
C TRP B 479 -5.01 4.18 -18.08
N ALA B 480 -5.52 5.37 -18.37
CA ALA B 480 -4.94 6.57 -17.76
C ALA B 480 -5.38 6.73 -16.31
N ASN B 481 -6.62 6.34 -16.00
CA ASN B 481 -7.05 6.32 -14.60
C ASN B 481 -6.15 5.41 -13.78
N PHE B 482 -5.86 4.22 -14.31
CA PHE B 482 -4.98 3.29 -13.60
C PHE B 482 -3.59 3.89 -13.42
N ALA B 483 -3.04 4.50 -14.48
CA ALA B 483 -1.72 5.11 -14.37
C ALA B 483 -1.68 6.21 -13.32
N ARG B 484 -2.78 6.95 -13.15
CA ARG B 484 -2.78 8.07 -12.20
C ARG B 484 -3.09 7.66 -10.77
N THR B 485 -3.85 6.57 -10.55
CA THR B 485 -4.35 6.22 -9.23
C THR B 485 -4.20 4.76 -8.84
N GLY B 486 -3.87 3.87 -9.76
CA GLY B 486 -3.91 2.45 -9.45
C GLY B 486 -5.28 1.82 -9.54
N ASP B 487 -6.26 2.54 -10.07
CA ASP B 487 -7.64 2.09 -10.16
C ASP B 487 -8.21 2.57 -11.50
N PRO B 488 -8.63 1.66 -12.39
CA PRO B 488 -9.15 2.10 -13.70
C PRO B 488 -10.53 2.76 -13.62
N ASN B 489 -11.22 2.64 -12.49
CA ASN B 489 -12.61 3.09 -12.42
C ASN B 489 -12.71 4.61 -12.40
N GLU B 490 -13.75 5.12 -13.05
CA GLU B 490 -13.99 6.56 -13.05
C GLU B 490 -14.58 6.98 -11.70
N PRO B 491 -13.91 7.85 -10.94
CA PRO B 491 -14.33 8.21 -9.59
C PRO B 491 -15.11 9.52 -9.55
N ALA B 496 -21.79 4.39 -13.25
CA ALA B 496 -21.21 3.41 -14.16
C ALA B 496 -20.97 2.08 -13.45
N PRO B 497 -21.04 0.97 -14.18
CA PRO B 497 -20.75 -0.34 -13.58
C PRO B 497 -19.27 -0.45 -13.23
N GLN B 498 -18.99 -0.81 -11.98
CA GLN B 498 -17.64 -0.74 -11.47
C GLN B 498 -16.83 -1.98 -11.88
N TRP B 499 -15.54 -1.74 -12.13
CA TRP B 499 -14.60 -2.80 -12.44
C TRP B 499 -13.98 -3.30 -11.14
N PRO B 500 -14.33 -4.49 -10.67
CA PRO B 500 -13.82 -4.97 -9.38
C PRO B 500 -12.42 -5.54 -9.52
N PRO B 501 -11.62 -5.52 -8.46
CA PRO B 501 -10.30 -6.15 -8.51
C PRO B 501 -10.40 -7.66 -8.70
N TYR B 502 -9.37 -8.22 -9.33
CA TYR B 502 -9.27 -9.67 -9.50
C TYR B 502 -8.69 -10.29 -8.23
N THR B 503 -9.30 -11.37 -7.75
CA THR B 503 -8.83 -12.07 -6.56
C THR B 503 -8.73 -13.55 -6.85
N ALA B 504 -7.92 -14.24 -6.04
CA ALA B 504 -7.68 -15.66 -6.30
C ALA B 504 -8.95 -16.48 -6.10
N GLY B 505 -9.85 -16.06 -5.22
CA GLY B 505 -11.10 -16.76 -5.02
C GLY B 505 -12.18 -16.38 -6.03
N ALA B 506 -12.63 -15.13 -6.02
CA ALA B 506 -13.74 -14.75 -6.88
C ALA B 506 -13.33 -14.71 -8.35
N GLN B 507 -12.06 -14.41 -8.63
CA GLN B 507 -11.50 -14.46 -9.99
C GLN B 507 -12.26 -13.56 -10.97
N GLN B 508 -12.65 -12.37 -10.52
CA GLN B 508 -13.49 -11.51 -11.33
C GLN B 508 -12.67 -10.71 -12.34
N TYR B 509 -13.22 -10.58 -13.54
CA TYR B 509 -12.65 -9.75 -14.59
C TYR B 509 -13.81 -9.12 -15.36
N VAL B 510 -13.49 -8.18 -16.24
CA VAL B 510 -14.50 -7.55 -17.06
C VAL B 510 -14.22 -7.84 -18.53
N SER B 511 -15.29 -7.86 -19.33
CA SER B 511 -15.17 -7.92 -20.77
C SER B 511 -15.17 -6.50 -21.32
N LEU B 512 -14.24 -6.21 -22.22
CA LEU B 512 -14.12 -4.90 -22.84
C LEU B 512 -14.62 -4.99 -24.27
N ASP B 513 -15.75 -4.34 -24.54
CA ASP B 513 -16.20 -4.17 -25.91
C ASP B 513 -17.17 -2.99 -25.97
N LEU B 514 -17.98 -2.95 -27.03
CA LEU B 514 -18.82 -1.79 -27.24
C LEU B 514 -19.94 -1.68 -26.20
N ARG B 515 -20.32 -2.79 -25.61
CA ARG B 515 -21.33 -2.84 -24.55
C ARG B 515 -20.73 -2.40 -23.25
N PRO B 516 -21.55 -1.95 -22.29
CA PRO B 516 -20.98 -1.57 -21.00
C PRO B 516 -20.25 -2.73 -20.34
N LEU B 517 -19.49 -2.41 -19.29
CA LEU B 517 -18.71 -3.39 -18.58
C LEU B 517 -19.59 -4.53 -18.08
N GLU B 518 -19.13 -5.75 -18.28
CA GLU B 518 -19.77 -6.93 -17.72
C GLU B 518 -18.74 -7.68 -16.89
N VAL B 519 -19.07 -7.95 -15.64
CA VAL B 519 -18.18 -8.66 -14.74
C VAL B 519 -18.40 -10.15 -14.89
N ARG B 520 -17.31 -10.90 -15.09
CA ARG B 520 -17.36 -12.35 -15.21
C ARG B 520 -16.36 -12.96 -14.23
N ARG B 521 -16.47 -14.28 -14.05
CA ARG B 521 -15.63 -15.02 -13.12
C ARG B 521 -14.80 -16.05 -13.88
N GLY B 522 -13.51 -16.12 -13.58
CA GLY B 522 -12.68 -17.19 -14.09
C GLY B 522 -12.00 -16.93 -15.42
N LEU B 523 -10.67 -16.83 -15.41
CA LEU B 523 -9.88 -16.70 -16.62
C LEU B 523 -9.56 -18.11 -17.12
N ARG B 524 -10.54 -18.71 -17.79
CA ARG B 524 -10.42 -20.10 -18.24
C ARG B 524 -9.99 -21.01 -17.09
N ALA B 525 -10.77 -20.95 -16.01
CA ALA B 525 -10.36 -21.58 -14.76
C ALA B 525 -10.09 -23.07 -14.93
N GLN B 526 -10.99 -23.78 -15.61
CA GLN B 526 -10.82 -25.22 -15.76
C GLN B 526 -9.60 -25.53 -16.61
N ALA B 527 -9.41 -24.83 -17.73
CA ALA B 527 -8.26 -25.10 -18.56
C ALA B 527 -6.96 -24.74 -17.85
N CYS B 528 -6.96 -23.65 -17.08
CA CYS B 528 -5.73 -23.18 -16.47
C CYS B 528 -5.34 -23.96 -15.22
N ALA B 529 -6.31 -24.61 -14.57
CA ALA B 529 -5.94 -25.57 -13.52
C ALA B 529 -5.08 -26.67 -14.09
N PHE B 530 -5.39 -27.12 -15.31
CA PHE B 530 -4.57 -28.13 -15.97
C PHE B 530 -3.16 -27.62 -16.23
N TRP B 531 -3.04 -26.45 -16.87
CA TRP B 531 -1.72 -25.94 -17.23
C TRP B 531 -0.93 -25.49 -16.01
N ASN B 532 -1.60 -24.90 -15.02
CA ASN B 532 -0.89 -24.25 -13.94
C ASN B 532 -0.70 -25.15 -12.72
N ARG B 533 -1.57 -26.12 -12.51
CA ARG B 533 -1.52 -26.97 -11.33
C ARG B 533 -1.12 -28.41 -11.62
N PHE B 534 -1.63 -29.04 -12.67
CA PHE B 534 -1.37 -30.45 -12.85
C PHE B 534 -0.19 -30.73 -13.77
N LEU B 535 -0.20 -30.15 -14.97
CA LEU B 535 0.84 -30.45 -15.96
C LEU B 535 2.24 -30.24 -15.43
N PRO B 536 2.56 -29.20 -14.64
CA PRO B 536 3.93 -29.11 -14.10
C PRO B 536 4.35 -30.34 -13.32
N LYS B 537 3.44 -30.96 -12.56
CA LYS B 537 3.80 -32.12 -11.75
C LYS B 537 3.97 -33.35 -12.61
N LEU B 538 3.19 -33.47 -13.68
CA LEU B 538 3.41 -34.54 -14.65
C LEU B 538 4.81 -34.48 -15.22
N LEU B 539 5.29 -33.29 -15.55
CA LEU B 539 6.61 -33.16 -16.15
C LEU B 539 7.73 -33.42 -15.15
N SER B 540 7.48 -33.19 -13.85
CA SER B 540 8.48 -33.42 -12.82
C SER B 540 8.61 -34.89 -12.41
N ALA B 541 7.63 -35.72 -12.75
CA ALA B 541 7.65 -37.14 -12.36
C ALA B 541 7.34 -38.06 -13.53
C1 NAG C . 18.88 -5.95 35.41
C2 NAG C . 19.75 -6.33 36.60
C3 NAG C . 19.39 -5.47 37.81
C4 NAG C . 19.46 -3.99 37.47
C5 NAG C . 18.61 -3.69 36.24
C6 NAG C . 18.74 -2.28 35.73
C7 NAG C . 20.55 -8.66 36.62
C8 NAG C . 21.79 -8.14 35.95
N2 NAG C . 19.61 -7.74 36.91
O3 NAG C . 20.30 -5.77 38.88
O4 NAG C . 18.99 -3.24 38.60
O5 NAG C . 19.00 -4.55 35.15
O6 NAG C . 20.08 -1.80 35.91
O7 NAG C . 20.40 -9.84 36.89
C1 NAG C . 19.92 -2.21 39.02
C2 NAG C . 19.16 -1.23 39.92
C3 NAG C . 20.08 -0.10 40.39
C4 NAG C . 21.34 -0.69 41.03
C5 NAG C . 22.01 -1.69 40.10
C6 NAG C . 23.18 -2.39 40.73
C7 NAG C . 16.74 -1.03 39.52
C8 NAG C . 15.67 -0.35 38.71
N2 NAG C . 18.00 -0.67 39.23
O3 NAG C . 19.40 0.72 41.32
O4 NAG C . 22.27 0.34 41.35
O5 NAG C . 21.07 -2.72 39.72
O6 NAG C . 22.85 -3.70 41.14
O7 NAG C . 16.48 -1.85 40.39
C1 FUC C . 20.58 -1.19 34.72
C2 FUC C . 21.96 -0.62 35.07
C3 FUC C . 22.95 -1.77 35.37
C4 FUC C . 23.01 -2.74 34.18
C5 FUC C . 21.59 -3.20 33.79
C6 FUC C . 21.56 -3.99 32.49
O2 FUC C . 21.91 0.27 36.18
O3 FUC C . 24.25 -1.25 35.59
O4 FUC C . 23.64 -2.12 33.07
O5 FUC C . 20.66 -2.10 33.64
C1 NAG D . -6.34 -24.41 -46.03
C2 NAG D . -6.67 -25.84 -46.49
C3 NAG D . -5.53 -26.80 -46.15
C4 NAG D . -4.21 -26.28 -46.68
C5 NAG D . -3.97 -24.87 -46.14
C6 NAG D . -2.71 -24.23 -46.68
C7 NAG D . -9.08 -26.38 -46.57
C8 NAG D . -9.03 -25.99 -48.02
N2 NAG D . -7.93 -26.28 -45.89
O3 NAG D . -5.82 -28.08 -46.71
O4 NAG D . -3.17 -27.16 -46.28
O5 NAG D . -5.05 -24.01 -46.54
O6 NAG D . -2.59 -24.43 -48.08
O7 NAG D . -10.11 -26.75 -46.03
C1 NAG D . -2.33 -27.58 -47.40
C2 NAG D . -1.07 -28.26 -46.84
C3 NAG D . -0.17 -28.75 -47.98
C4 NAG D . -0.97 -29.59 -48.97
C5 NAG D . -2.21 -28.84 -49.43
C6 NAG D . -3.09 -29.64 -50.35
C7 NAG D . -0.67 -27.11 -44.70
C8 NAG D . 0.20 -26.15 -43.95
N2 NAG D . -0.33 -27.35 -45.96
O3 NAG D . 0.89 -29.52 -47.44
O4 NAG D . -0.15 -29.91 -50.09
O5 NAG D . -3.00 -28.47 -48.29
O6 NAG D . -3.87 -28.79 -51.19
O7 NAG D . -1.65 -27.65 -44.18
C1 FUC D . -2.17 -23.23 -48.73
C2 FUC D . -1.87 -23.60 -50.21
C3 FUC D . -3.19 -23.87 -50.97
C4 FUC D . -4.16 -22.70 -50.83
C5 FUC D . -4.40 -22.46 -49.33
C6 FUC D . -5.29 -21.25 -49.07
O2 FUC D . -0.99 -24.71 -50.31
O3 FUC D . -2.91 -24.04 -52.36
O4 FUC D . -3.60 -21.55 -51.42
O5 FUC D . -3.17 -22.22 -48.62
C1 NAG E . -7.02 38.06 43.37
C2 NAG E . -8.48 38.24 43.79
C3 NAG E . -9.19 39.27 42.93
C4 NAG E . -8.37 40.55 42.86
C5 NAG E . -6.94 40.24 42.41
C6 NAG E . -6.11 41.51 42.35
C7 NAG E . -10.48 36.86 43.66
C8 NAG E . -11.08 36.85 42.28
N2 NAG E . -9.16 36.96 43.72
O3 NAG E . -10.48 39.57 43.48
O4 NAG E . -8.98 41.47 41.94
O5 NAG E . -6.34 39.31 43.31
O6 NAG E . -4.83 41.21 41.78
O7 NAG E . -11.17 36.80 44.67
C21 7PE F . -20.10 24.23 43.06
C20 7PE F . -18.98 23.33 43.59
O19 7PE F . -17.75 23.97 43.41
C18 7PE F . -16.74 23.15 42.92
C17 7PE F . -15.83 23.91 41.94
O16 7PE F . -16.03 23.42 40.64
C15 7PE F . -16.40 24.40 39.71
C14 7PE F . -16.79 23.73 38.40
O13 7PE F . -17.83 24.43 37.78
C12 7PE F . -19.07 24.40 38.45
C11 7PE F . -19.93 23.23 37.93
O10 7PE F . -20.98 23.01 38.84
C9 7PE F . -21.21 21.67 39.18
C8 7PE F . -21.63 21.58 40.64
O7 7PE F . -21.41 20.29 41.15
C6 7PE F . -20.31 20.19 42.03
C5 7PE F . -20.33 18.86 42.77
O4 7PE F . -19.19 18.11 42.41
C3 7PE F . -18.45 17.62 43.49
C2 7PE F . -17.66 16.39 43.06
O1 7PE F . -18.54 15.42 42.56
C1 NAG G . 14.73 -2.60 7.06
C2 NAG G . 15.21 -2.54 5.61
C3 NAG G . 16.25 -1.43 5.43
C4 NAG G . 15.71 -0.11 5.95
C5 NAG G . 15.20 -0.25 7.39
C6 NAG G . 14.51 0.99 7.91
C7 NAG G . 16.81 -4.44 5.64
C8 NAG G . 17.17 -5.75 5.01
N2 NAG G . 15.73 -3.82 5.14
O3 NAG G . 16.59 -1.30 4.06
O4 NAG G . 16.72 0.89 5.90
O5 NAG G . 14.24 -1.32 7.46
O6 NAG G . 13.20 0.70 8.34
O7 NAG G . 17.47 -3.96 6.56
O1 UCJ H . -1.68 6.79 28.04
P1 UCJ H . -1.54 5.45 28.44
C1 UCJ H . -2.05 5.38 30.18
O2 UCJ H . -0.04 5.14 28.72
C2 UCJ H . 0.94 5.92 28.20
C4 UCJ H . 1.92 6.23 29.31
C3 UCJ H . 1.59 5.05 27.18
O3 HI6 I . 8.70 15.33 34.06
C14 HI6 I . 7.70 14.88 33.66
N4 HI6 I . 6.58 15.72 33.26
C11 HI6 I . 7.58 13.37 33.56
C10 HI6 I . 8.61 12.60 34.01
C9 HI6 I . 8.46 11.24 33.90
N3 HI6 I . 7.39 10.73 33.38
C13 HI6 I . 6.41 11.46 32.95
C12 HI6 I . 6.47 12.82 33.03
C8 HI6 I . 7.24 9.32 33.28
O2 HI6 I . 7.98 8.86 32.21
C7 HI6 I . 8.29 7.53 32.38
N2 HI6 I . 7.54 6.75 31.43
C2 HI6 I . 6.62 5.91 31.83
C1 HI6 I . 6.31 5.77 33.30
N1 HI6 I . 5.14 5.86 33.70
O1 HI6 I . 4.95 5.72 35.06
C3 HI6 I . 5.89 5.14 30.96
C4 HI6 I . 6.15 5.28 29.63
C5 HI6 I . 7.12 6.19 29.23
C6 HI6 I . 7.80 6.90 30.17
O1 UCJ J . 5.44 -10.84 -28.32
P1 UCJ J . 4.29 -11.65 -28.24
C1 UCJ J . 4.89 -13.34 -27.91
O2 UCJ J . 3.60 -11.72 -29.65
C2 UCJ J . 4.37 -11.27 -30.69
C4 UCJ J . 5.15 -12.45 -31.23
C3 UCJ J . 3.39 -10.70 -31.70
O3 HI6 K . 12.34 -17.17 -32.89
O3 HI6 K . 14.12 -16.32 -38.44
C14 HI6 K . 12.67 -16.50 -33.77
C14 HI6 K . 13.65 -15.67 -37.58
N4 HI6 K . 13.97 -15.91 -33.77
N4 HI6 K . 14.50 -14.68 -36.95
C11 HI6 K . 11.70 -16.32 -34.91
C11 HI6 K . 12.20 -15.86 -37.18
C10 HI6 K . 12.05 -15.86 -36.19
C10 HI6 K . 11.27 -16.24 -38.10
C9 HI6 K . 11.05 -15.78 -37.11
C9 HI6 K . 9.96 -16.38 -37.72
N3 HI6 K . 9.83 -16.11 -36.80
N3 HI6 K . 9.60 -16.17 -36.51
C13 HI6 K . 9.50 -16.55 -35.62
C13 HI6 K . 10.46 -15.83 -35.60
C12 HI6 K . 10.42 -16.68 -34.62
C12 HI6 K . 11.78 -15.65 -35.90
C8 HI6 K . 8.78 -16.05 -37.76
C8 HI6 K . 8.23 -16.34 -36.11
O2 HI6 K . 7.71 -15.41 -37.16
O2 HI6 K . 7.38 -16.25 -37.18
C7 HI6 K . 6.58 -16.19 -37.03
C7 HI6 K . 6.83 -15.00 -37.33
N2 HI6 K . 5.56 -15.31 -36.56
N2 HI6 K . 5.58 -14.77 -36.63
C2 HI6 K . 4.76 -15.76 -35.65
C2 HI6 K . 4.97 -15.60 -35.82
C1 HI6 K . 5.03 -17.17 -35.14
C1 HI6 K . 5.48 -16.98 -35.41
N1 HI6 K . 5.62 -17.32 -34.06
N1 HI6 K . 5.53 -17.23 -34.19
O1 HI6 K . 5.84 -18.63 -33.64
O1 HI6 K . 5.96 -18.48 -33.75
C3 HI6 K . 3.76 -15.00 -35.15
C3 HI6 K . 3.80 -15.22 -35.22
C4 HI6 K . 3.57 -13.72 -35.64
C4 HI6 K . 3.25 -14.00 -35.48
C5 HI6 K . 4.42 -13.28 -36.62
C5 HI6 K . 3.88 -13.16 -36.35
C6 HI6 K . 5.41 -14.12 -37.05
C6 HI6 K . 5.06 -13.60 -36.89
#